data_1OZF
#
_entry.id   1OZF
#
_cell.length_a   116.822
_cell.length_b   160.573
_cell.length_c   129.374
_cell.angle_alpha   90.00
_cell.angle_beta   90.00
_cell.angle_gamma   90.00
#
_symmetry.space_group_name_H-M   'C 2 2 21'
#
loop_
_entity.id
_entity.type
_entity.pdbx_description
1 polymer 'Acetolactate synthase, catabolic'
2 non-polymer 'PHOSPHATE ION'
3 non-polymer 'MAGNESIUM ION'
4 non-polymer 'THIAMINE DIPHOSPHATE'
5 non-polymer DI(HYDROXYETHYL)ETHER
6 water water
#
_entity_poly.entity_id   1
_entity_poly.type   'polypeptide(L)'
_entity_poly.pdbx_seq_one_letter_code
;MDKQYPVRQWAHGADLVVSQLEAQGVRQVFGIPGAKIDKVFDSLLDSSIRIIPVRHEANAAFMAAAVGRITGKAGVALVT
SGPGCSNLITGMATANSEGDPVVALGGAVKRADKAKQVHQSMDTVAMFSPVTKYAIEVTAPDALAEVVSNAFRAAEQGRP
GSAFVSLPQDVVDGPVSGKVLPASGAPQMGAAPDDAIDQVAKLIAQAKNPIFLLGLMASQPENSKALRRLLETSHIPVTS
TYQAAGAVNQDNFSRFAGRVGLFNNQAGDRLLQLADLVICIGYSPVEYEPAMWNSGNATLVHIDVLPAYEERNYTPDVEL
VGDIAGTLNKLAQNIDHRLVLSPQAAEILRDRQHQRELLDRRGAQLNQFALHPLRIVRAMQDIVNSDVTLTVDMGSFHIW
IARYLYTFRARQVMISNGQQTMGVALPWAIGAWLVNPERKVVSVSGDGGFLQSSMELETAVRLKANVLHLIWVDNGYNMV
AIQEEKKYQRLSGVEFGPMDFKAYAESFGAKGFAVESAEALEPTLRAAMDVDGPAVVAIPVDYRDNPLLMGQLHLSQILE
HHHHHH
;
_entity_poly.pdbx_strand_id   A,B
#
# COMPACT_ATOMS: atom_id res chain seq x y z
N VAL A 7 -34.23 -9.07 20.74
CA VAL A 7 -34.07 -8.25 19.52
C VAL A 7 -35.39 -7.66 19.07
N ARG A 8 -35.33 -6.67 18.19
CA ARG A 8 -36.52 -5.99 17.69
C ARG A 8 -36.51 -5.97 16.17
N GLN A 9 -37.66 -5.61 15.60
CA GLN A 9 -37.80 -5.49 14.16
C GLN A 9 -37.67 -3.99 13.93
N TRP A 10 -36.58 -3.58 13.29
CA TRP A 10 -36.41 -2.16 13.03
C TRP A 10 -36.84 -1.83 11.63
N ALA A 11 -37.59 -0.74 11.50
CA ALA A 11 -38.08 -0.31 10.20
C ALA A 11 -36.89 0.08 9.32
N HIS A 12 -35.87 0.71 9.92
CA HIS A 12 -34.70 1.16 9.19
C HIS A 12 -33.45 0.89 10.00
N GLY A 13 -32.36 0.56 9.30
CA GLY A 13 -31.10 0.30 9.96
C GLY A 13 -30.62 1.55 10.66
N ALA A 14 -31.04 2.70 10.15
CA ALA A 14 -30.69 3.98 10.73
C ALA A 14 -31.23 4.12 12.15
N ASP A 15 -32.41 3.53 12.39
CA ASP A 15 -33.01 3.61 13.72
C ASP A 15 -32.18 2.82 14.72
N LEU A 16 -31.60 1.70 14.27
CA LEU A 16 -30.78 0.86 15.13
C LEU A 16 -29.45 1.56 15.38
N VAL A 17 -28.95 2.24 14.35
CA VAL A 17 -27.70 2.98 14.47
C VAL A 17 -27.87 4.10 15.50
N VAL A 18 -28.96 4.86 15.36
CA VAL A 18 -29.23 5.95 16.28
C VAL A 18 -29.41 5.43 17.71
N SER A 19 -30.08 4.29 17.84
CA SER A 19 -30.29 3.69 19.16
C SER A 19 -28.97 3.23 19.76
N GLN A 20 -28.05 2.79 18.91
CA GLN A 20 -26.75 2.36 19.38
C GLN A 20 -25.98 3.59 19.86
N LEU A 21 -26.10 4.69 19.12
CA LEU A 21 -25.42 5.94 19.49
C LEU A 21 -25.89 6.42 20.85
N GLU A 22 -27.19 6.29 21.09
CA GLU A 22 -27.76 6.70 22.36
C GLU A 22 -27.16 5.80 23.45
N ALA A 23 -27.09 4.51 23.16
CA ALA A 23 -26.52 3.57 24.11
C ALA A 23 -25.07 3.91 24.42
N GLN A 24 -24.37 4.50 23.45
CA GLN A 24 -22.96 4.86 23.63
C GLN A 24 -22.83 6.18 24.40
N GLY A 25 -23.96 6.82 24.69
CA GLY A 25 -23.93 8.08 25.40
C GLY A 25 -23.62 9.29 24.54
N VAL A 26 -23.77 9.14 23.23
CA VAL A 26 -23.50 10.25 22.31
C VAL A 26 -24.51 11.36 22.57
N ARG A 27 -24.03 12.57 22.76
CA ARG A 27 -24.90 13.71 23.04
C ARG A 27 -25.23 14.52 21.79
N GLN A 28 -24.33 14.51 20.82
CA GLN A 28 -24.55 15.25 19.59
C GLN A 28 -23.74 14.62 18.46
N VAL A 29 -24.12 14.95 17.23
CA VAL A 29 -23.43 14.46 16.05
C VAL A 29 -23.09 15.63 15.14
N PHE A 30 -21.87 15.64 14.61
CA PHE A 30 -21.44 16.71 13.72
C PHE A 30 -21.42 16.19 12.29
N GLY A 31 -21.84 17.01 11.34
CA GLY A 31 -21.81 16.55 9.97
C GLY A 31 -22.59 17.35 8.96
N ILE A 32 -22.69 16.79 7.76
CA ILE A 32 -23.39 17.42 6.67
C ILE A 32 -24.18 16.29 6.00
N PRO A 33 -25.49 16.50 5.79
CA PRO A 33 -26.33 15.49 5.16
C PRO A 33 -26.20 15.40 3.65
N GLY A 34 -26.66 14.27 3.11
CA GLY A 34 -26.63 14.01 1.69
C GLY A 34 -27.58 12.86 1.45
N ALA A 35 -27.98 12.66 0.20
CA ALA A 35 -28.92 11.58 -0.15
C ALA A 35 -28.62 10.22 0.47
N LYS A 36 -27.41 9.75 0.29
CA LYS A 36 -27.01 8.44 0.79
C LYS A 36 -27.11 8.21 2.30
N ILE A 37 -26.93 9.28 3.07
CA ILE A 37 -26.94 9.17 4.53
C ILE A 37 -28.11 9.90 5.20
N ASP A 38 -29.00 10.52 4.42
CA ASP A 38 -30.07 11.29 5.04
C ASP A 38 -31.04 10.58 5.97
N LYS A 39 -31.19 9.26 5.85
CA LYS A 39 -32.13 8.56 6.74
C LYS A 39 -31.61 8.59 8.17
N VAL A 40 -30.28 8.61 8.32
CA VAL A 40 -29.69 8.65 9.65
C VAL A 40 -29.94 10.02 10.28
N PHE A 41 -29.78 11.09 9.51
CA PHE A 41 -30.06 12.42 10.05
C PHE A 41 -31.53 12.50 10.42
N ASP A 42 -32.36 11.83 9.61
CA ASP A 42 -33.79 11.82 9.85
C ASP A 42 -34.14 11.10 11.16
N SER A 43 -33.52 9.95 11.38
CA SER A 43 -33.76 9.20 12.61
C SER A 43 -33.28 9.95 13.84
N LEU A 44 -32.25 10.78 13.69
CA LEU A 44 -31.75 11.54 14.84
C LEU A 44 -32.82 12.51 15.35
N LEU A 45 -33.77 12.86 14.48
CA LEU A 45 -34.86 13.76 14.87
C LEU A 45 -35.71 13.13 15.97
N ASP A 46 -35.79 11.80 15.97
CA ASP A 46 -36.60 11.09 16.96
C ASP A 46 -35.75 10.61 18.14
N SER A 47 -34.65 11.29 18.43
CA SER A 47 -33.80 10.85 19.52
C SER A 47 -33.41 11.98 20.45
N SER A 48 -32.56 11.66 21.43
CA SER A 48 -32.10 12.63 22.39
C SER A 48 -30.81 13.28 21.90
N ILE A 49 -30.30 12.80 20.77
CA ILE A 49 -29.06 13.31 20.20
C ILE A 49 -29.27 14.57 19.37
N ARG A 50 -28.51 15.61 19.70
CA ARG A 50 -28.60 16.88 18.99
C ARG A 50 -27.85 16.85 17.66
N ILE A 51 -28.54 17.27 16.59
CA ILE A 51 -27.92 17.31 15.27
C ILE A 51 -27.18 18.63 15.11
N ILE A 52 -25.87 18.56 14.93
CA ILE A 52 -25.11 19.79 14.74
C ILE A 52 -24.54 19.86 13.32
N PRO A 53 -25.18 20.66 12.46
CA PRO A 53 -24.75 20.85 11.06
C PRO A 53 -23.53 21.75 11.02
N VAL A 54 -22.52 21.33 10.26
CA VAL A 54 -21.32 22.14 10.13
C VAL A 54 -21.28 22.66 8.71
N ARG A 55 -20.27 23.47 8.39
CA ARG A 55 -20.18 24.04 7.05
C ARG A 55 -19.16 23.31 6.18
N HIS A 56 -18.31 22.49 6.79
CA HIS A 56 -17.33 21.68 6.06
C HIS A 56 -17.06 20.43 6.89
N GLU A 57 -17.15 19.27 6.26
CA GLU A 57 -16.95 17.99 6.94
C GLU A 57 -15.66 17.86 7.74
N ALA A 58 -14.57 18.42 7.22
CA ALA A 58 -13.29 18.34 7.91
C ALA A 58 -13.45 18.81 9.35
N ASN A 59 -14.18 19.89 9.51
CA ASN A 59 -14.41 20.47 10.83
C ASN A 59 -15.28 19.60 11.72
N ALA A 60 -16.10 18.75 11.10
CA ALA A 60 -16.94 17.85 11.88
C ALA A 60 -15.99 16.90 12.62
N ALA A 61 -14.97 16.42 11.91
CA ALA A 61 -14.00 15.51 12.50
C ALA A 61 -13.18 16.22 13.60
N PHE A 62 -12.85 17.49 13.38
CA PHE A 62 -12.09 18.24 14.37
C PHE A 62 -12.92 18.45 15.65
N MET A 63 -14.18 18.81 15.47
CA MET A 63 -15.09 19.01 16.61
C MET A 63 -15.29 17.71 17.38
N ALA A 64 -15.41 16.60 16.66
CA ALA A 64 -15.58 15.30 17.28
C ALA A 64 -14.34 14.92 18.07
N ALA A 65 -13.17 15.27 17.53
CA ALA A 65 -11.91 14.96 18.19
C ALA A 65 -11.83 15.66 19.54
N ALA A 66 -12.27 16.92 19.58
CA ALA A 66 -12.23 17.68 20.82
C ALA A 66 -13.16 17.05 21.86
N VAL A 67 -14.34 16.61 21.42
CA VAL A 67 -15.28 15.98 22.32
C VAL A 67 -14.65 14.70 22.88
N GLY A 68 -13.94 13.97 22.02
CA GLY A 68 -13.30 12.74 22.43
C GLY A 68 -12.18 12.96 23.45
N ARG A 69 -11.30 13.92 23.17
CA ARG A 69 -10.19 14.17 24.07
C ARG A 69 -10.63 14.66 25.45
N ILE A 70 -11.72 15.40 25.50
CA ILE A 70 -12.19 15.92 26.78
C ILE A 70 -13.04 14.95 27.59
N THR A 71 -14.00 14.29 26.96
CA THR A 71 -14.85 13.37 27.69
C THR A 71 -14.22 11.99 27.82
N GLY A 72 -13.39 11.62 26.85
CA GLY A 72 -12.77 10.32 26.87
C GLY A 72 -13.64 9.36 26.08
N LYS A 73 -14.83 9.83 25.72
CA LYS A 73 -15.78 9.03 24.93
C LYS A 73 -15.78 9.62 23.52
N ALA A 74 -15.88 8.74 22.52
CA ALA A 74 -15.82 9.16 21.12
C ALA A 74 -16.78 10.22 20.61
N GLY A 75 -16.24 11.22 19.93
CA GLY A 75 -17.05 12.25 19.33
C GLY A 75 -17.54 11.59 18.04
N VAL A 76 -18.71 12.02 17.54
CA VAL A 76 -19.26 11.40 16.32
C VAL A 76 -19.47 12.36 15.16
N ALA A 77 -19.04 11.93 13.97
CA ALA A 77 -19.21 12.72 12.76
C ALA A 77 -20.09 11.88 11.83
N LEU A 78 -20.99 12.54 11.12
CA LEU A 78 -21.91 11.85 10.20
C LEU A 78 -21.89 12.57 8.86
N VAL A 79 -21.43 11.89 7.82
CA VAL A 79 -21.35 12.50 6.49
C VAL A 79 -21.91 11.61 5.38
N THR A 80 -22.18 12.20 4.22
CA THR A 80 -22.70 11.44 3.12
C THR A 80 -21.56 10.79 2.31
N SER A 81 -21.94 10.03 1.29
CA SER A 81 -20.98 9.32 0.45
C SER A 81 -20.12 10.22 -0.44
N GLY A 82 -19.13 9.61 -1.08
CA GLY A 82 -18.23 10.33 -1.97
C GLY A 82 -17.49 11.46 -1.29
N PRO A 83 -17.58 12.69 -1.84
CA PRO A 83 -16.89 13.83 -1.25
C PRO A 83 -17.24 14.00 0.23
N GLY A 84 -18.44 13.58 0.60
CA GLY A 84 -18.84 13.67 2.00
C GLY A 84 -17.80 12.99 2.87
N CYS A 85 -17.38 11.80 2.47
CA CYS A 85 -16.37 11.04 3.23
C CYS A 85 -14.94 11.52 3.00
N SER A 86 -14.57 11.79 1.76
CA SER A 86 -13.21 12.24 1.49
C SER A 86 -12.85 13.56 2.17
N ASN A 87 -13.85 14.39 2.44
CA ASN A 87 -13.61 15.68 3.11
C ASN A 87 -13.25 15.53 4.59
N LEU A 88 -13.44 14.33 5.13
CA LEU A 88 -13.15 14.03 6.52
C LEU A 88 -11.73 13.52 6.76
N ILE A 89 -11.13 12.94 5.72
CA ILE A 89 -9.81 12.33 5.81
C ILE A 89 -8.73 13.04 6.64
N THR A 90 -8.50 14.32 6.37
CA THR A 90 -7.50 15.04 7.13
C THR A 90 -7.92 15.10 8.61
N GLY A 91 -9.23 15.26 8.82
CA GLY A 91 -9.75 15.32 10.17
C GLY A 91 -9.52 14.03 10.92
N MET A 92 -9.78 12.90 10.26
CA MET A 92 -9.61 11.59 10.87
C MET A 92 -8.15 11.26 11.15
N ALA A 93 -7.26 11.68 10.25
CA ALA A 93 -5.84 11.42 10.43
C ALA A 93 -5.31 12.23 11.60
N THR A 94 -5.74 13.47 11.71
CA THR A 94 -5.30 14.33 12.81
C THR A 94 -5.72 13.72 14.15
N ALA A 95 -6.98 13.32 14.25
CA ALA A 95 -7.51 12.73 15.47
C ALA A 95 -6.75 11.46 15.83
N ASN A 96 -6.50 10.62 14.83
CA ASN A 96 -5.80 9.38 15.05
C ASN A 96 -4.39 9.64 15.56
N SER A 97 -3.73 10.67 15.01
CA SER A 97 -2.37 11.01 15.43
C SER A 97 -2.27 11.48 16.87
N GLU A 98 -3.21 12.33 17.28
CA GLU A 98 -3.22 12.88 18.63
C GLU A 98 -3.90 11.97 19.64
N GLY A 99 -4.41 10.84 19.18
CA GLY A 99 -5.08 9.91 20.09
C GLY A 99 -6.45 10.33 20.57
N ASP A 100 -7.21 11.03 19.72
CA ASP A 100 -8.56 11.47 20.09
C ASP A 100 -9.59 10.49 19.56
N PRO A 101 -10.43 9.93 20.44
CA PRO A 101 -11.44 8.98 19.97
C PRO A 101 -12.51 9.66 19.13
N VAL A 102 -12.67 9.18 17.90
CA VAL A 102 -13.65 9.71 16.98
C VAL A 102 -14.26 8.58 16.16
N VAL A 103 -15.58 8.57 16.05
CA VAL A 103 -16.23 7.56 15.24
C VAL A 103 -16.92 8.31 14.11
N ALA A 104 -16.51 8.00 12.89
CA ALA A 104 -17.11 8.63 11.72
C ALA A 104 -18.05 7.65 11.03
N LEU A 105 -19.27 8.10 10.76
CA LEU A 105 -20.26 7.29 10.06
C LEU A 105 -20.45 7.92 8.69
N GLY A 106 -20.05 7.19 7.65
CA GLY A 106 -20.16 7.72 6.31
C GLY A 106 -21.08 6.92 5.40
N GLY A 107 -21.91 7.64 4.65
CA GLY A 107 -22.82 6.99 3.75
C GLY A 107 -22.10 6.41 2.54
N ALA A 108 -22.79 5.52 1.83
CA ALA A 108 -22.22 4.89 0.66
C ALA A 108 -23.35 4.42 -0.24
N VAL A 109 -23.03 4.15 -1.50
CA VAL A 109 -24.04 3.66 -2.43
C VAL A 109 -24.53 2.32 -1.91
N LYS A 110 -25.62 1.83 -2.46
CA LYS A 110 -26.15 0.56 -2.02
C LYS A 110 -25.14 -0.54 -2.34
N ARG A 111 -25.15 -1.59 -1.54
CA ARG A 111 -24.24 -2.71 -1.71
C ARG A 111 -24.15 -3.27 -3.13
N ALA A 112 -25.30 -3.45 -3.78
CA ALA A 112 -25.35 -4.01 -5.13
C ALA A 112 -25.22 -2.99 -6.25
N ASP A 113 -24.94 -1.73 -5.92
CA ASP A 113 -24.80 -0.71 -6.95
C ASP A 113 -23.70 -1.10 -7.93
N LYS A 114 -24.04 -1.18 -9.22
CA LYS A 114 -23.07 -1.55 -10.24
C LYS A 114 -21.96 -0.51 -10.42
N ALA A 115 -22.15 0.67 -9.84
CA ALA A 115 -21.15 1.73 -9.95
C ALA A 115 -19.90 1.34 -9.17
N LYS A 116 -20.05 0.38 -8.25
CA LYS A 116 -18.93 -0.07 -7.44
C LYS A 116 -17.97 -0.90 -8.28
N GLN A 117 -18.51 -1.73 -9.17
CA GLN A 117 -17.70 -2.58 -10.02
C GLN A 117 -16.99 -1.79 -11.11
N VAL A 118 -17.57 -0.66 -11.50
CA VAL A 118 -16.97 0.20 -12.51
C VAL A 118 -16.10 1.24 -11.83
N HIS A 119 -15.93 1.08 -10.51
CA HIS A 119 -15.11 1.98 -9.71
C HIS A 119 -15.60 3.42 -9.84
N GLN A 120 -16.92 3.57 -9.93
CA GLN A 120 -17.56 4.88 -10.05
C GLN A 120 -17.75 5.50 -8.67
N SER A 121 -17.60 4.69 -7.63
CA SER A 121 -17.76 5.16 -6.26
C SER A 121 -16.50 4.91 -5.44
N MET A 122 -16.10 5.90 -4.66
CA MET A 122 -14.91 5.83 -3.82
C MET A 122 -14.82 4.63 -2.88
N ASP A 123 -13.66 3.97 -2.91
CA ASP A 123 -13.41 2.85 -2.01
C ASP A 123 -12.98 3.58 -0.73
N THR A 124 -13.94 4.11 0.02
CA THR A 124 -13.62 4.85 1.24
C THR A 124 -12.89 4.02 2.28
N VAL A 125 -13.22 2.75 2.41
CA VAL A 125 -12.56 1.91 3.40
C VAL A 125 -11.05 1.90 3.16
N ALA A 126 -10.63 1.71 1.90
CA ALA A 126 -9.22 1.69 1.56
C ALA A 126 -8.56 3.04 1.83
N MET A 127 -9.28 4.11 1.53
CA MET A 127 -8.78 5.47 1.73
C MET A 127 -8.58 5.82 3.20
N PHE A 128 -9.50 5.38 4.06
CA PHE A 128 -9.40 5.65 5.49
C PHE A 128 -8.49 4.72 6.28
N SER A 129 -8.33 3.49 5.81
CA SER A 129 -7.50 2.52 6.52
C SER A 129 -6.13 3.02 6.95
N PRO A 130 -5.45 3.80 6.10
CA PRO A 130 -4.12 4.33 6.42
C PRO A 130 -4.09 5.37 7.55
N VAL A 131 -5.20 6.07 7.74
CA VAL A 131 -5.26 7.11 8.77
C VAL A 131 -6.23 6.82 9.92
N THR A 132 -6.64 5.57 10.06
CA THR A 132 -7.56 5.19 11.13
C THR A 132 -7.10 3.93 11.84
N LYS A 133 -7.69 3.71 13.00
CA LYS A 133 -7.40 2.55 13.82
C LYS A 133 -8.35 1.43 13.41
N TYR A 134 -9.50 1.81 12.87
CA TYR A 134 -10.54 0.87 12.47
C TYR A 134 -11.34 1.43 11.30
N ALA A 135 -11.38 0.70 10.20
CA ALA A 135 -12.13 1.13 9.02
C ALA A 135 -12.89 -0.07 8.48
N ILE A 136 -14.19 0.08 8.29
CA ILE A 136 -14.97 -1.06 7.81
C ILE A 136 -16.28 -0.67 7.16
N GLU A 137 -16.75 -1.52 6.26
CA GLU A 137 -18.02 -1.26 5.60
C GLU A 137 -19.03 -2.34 6.01
N VAL A 138 -20.22 -1.91 6.40
CA VAL A 138 -21.25 -2.86 6.80
C VAL A 138 -21.79 -3.54 5.55
N THR A 139 -21.61 -4.85 5.50
CA THR A 139 -22.08 -5.65 4.36
C THR A 139 -23.26 -6.52 4.84
N ALA A 140 -23.37 -6.69 6.15
CA ALA A 140 -24.43 -7.49 6.76
C ALA A 140 -25.33 -6.64 7.64
N PRO A 141 -26.54 -6.32 7.14
CA PRO A 141 -27.55 -5.51 7.83
C PRO A 141 -27.82 -5.93 9.28
N ASP A 142 -27.78 -7.23 9.53
CA ASP A 142 -28.03 -7.76 10.86
C ASP A 142 -26.88 -7.52 11.86
N ALA A 143 -25.72 -7.10 11.35
CA ALA A 143 -24.56 -6.85 12.21
C ALA A 143 -24.29 -5.35 12.28
N LEU A 144 -25.36 -4.57 12.14
CA LEU A 144 -25.26 -3.13 12.16
C LEU A 144 -24.83 -2.56 13.50
N ALA A 145 -25.57 -2.88 14.56
CA ALA A 145 -25.25 -2.39 15.90
C ALA A 145 -23.88 -2.90 16.32
N GLU A 146 -23.58 -4.12 15.93
CA GLU A 146 -22.32 -4.79 16.22
C GLU A 146 -21.13 -3.98 15.72
N VAL A 147 -21.17 -3.61 14.44
CA VAL A 147 -20.09 -2.85 13.83
C VAL A 147 -19.95 -1.46 14.46
N VAL A 148 -21.07 -0.78 14.66
CA VAL A 148 -21.03 0.54 15.26
C VAL A 148 -20.44 0.41 16.66
N SER A 149 -20.87 -0.60 17.39
CA SER A 149 -20.39 -0.85 18.74
C SER A 149 -18.88 -1.09 18.73
N ASN A 150 -18.41 -1.92 17.79
CA ASN A 150 -16.99 -2.21 17.70
C ASN A 150 -16.18 -0.98 17.29
N ALA A 151 -16.78 -0.09 16.52
CA ALA A 151 -16.09 1.13 16.09
C ALA A 151 -15.80 1.97 17.33
N PHE A 152 -16.76 2.06 18.26
CA PHE A 152 -16.55 2.83 19.47
C PHE A 152 -15.49 2.19 20.35
N ARG A 153 -15.53 0.87 20.51
CA ARG A 153 -14.55 0.19 21.32
C ARG A 153 -13.15 0.41 20.73
N ALA A 154 -13.05 0.30 19.41
CA ALA A 154 -11.78 0.48 18.72
C ALA A 154 -11.24 1.91 18.88
N ALA A 155 -12.14 2.88 18.97
CA ALA A 155 -11.73 4.27 19.10
C ALA A 155 -11.40 4.69 20.52
N GLU A 156 -12.14 4.17 21.49
CA GLU A 156 -11.94 4.56 22.88
C GLU A 156 -10.97 3.70 23.69
N GLN A 157 -10.79 2.45 23.30
CA GLN A 157 -9.90 1.54 24.03
C GLN A 157 -8.44 1.55 23.59
N GLY A 158 -7.60 0.93 24.41
CA GLY A 158 -6.17 0.88 24.12
C GLY A 158 -5.69 2.31 23.96
N ARG A 159 -4.90 2.56 22.92
CA ARG A 159 -4.42 3.90 22.64
C ARG A 159 -5.54 4.44 21.74
N PRO A 160 -6.31 5.44 22.21
CA PRO A 160 -7.41 6.02 21.44
C PRO A 160 -7.04 6.44 20.03
N GLY A 161 -8.04 6.45 19.16
CA GLY A 161 -7.83 6.83 17.78
C GLY A 161 -9.16 6.99 17.08
N SER A 162 -9.11 7.20 15.76
CA SER A 162 -10.32 7.38 14.99
C SER A 162 -10.78 6.09 14.33
N ALA A 163 -12.09 5.98 14.10
CA ALA A 163 -12.67 4.81 13.47
C ALA A 163 -13.66 5.26 12.41
N PHE A 164 -13.64 4.58 11.26
CA PHE A 164 -14.54 4.90 10.16
C PHE A 164 -15.45 3.73 9.81
N VAL A 165 -16.74 4.02 9.70
CA VAL A 165 -17.71 3.00 9.36
C VAL A 165 -18.49 3.43 8.12
N SER A 166 -18.38 2.65 7.05
CA SER A 166 -19.10 2.98 5.81
C SER A 166 -20.49 2.33 5.88
N LEU A 167 -21.53 3.14 5.67
CA LEU A 167 -22.90 2.65 5.74
C LEU A 167 -23.65 2.71 4.40
N PRO A 168 -23.70 1.58 3.68
CA PRO A 168 -24.41 1.54 2.38
C PRO A 168 -25.84 2.03 2.54
N GLN A 169 -26.31 2.84 1.60
CA GLN A 169 -27.65 3.41 1.66
C GLN A 169 -28.79 2.41 1.91
N ASP A 170 -28.75 1.27 1.22
CA ASP A 170 -29.80 0.27 1.39
C ASP A 170 -29.81 -0.32 2.79
N VAL A 171 -28.64 -0.43 3.40
CA VAL A 171 -28.54 -0.98 4.74
C VAL A 171 -29.19 -0.07 5.79
N VAL A 172 -28.97 1.24 5.68
CA VAL A 172 -29.56 2.16 6.65
C VAL A 172 -31.04 2.45 6.37
N ASP A 173 -31.44 2.38 5.10
CA ASP A 173 -32.82 2.63 4.72
C ASP A 173 -33.71 1.40 4.92
N GLY A 174 -33.17 0.22 4.64
CA GLY A 174 -33.94 -1.00 4.77
C GLY A 174 -34.14 -1.50 6.19
N PRO A 175 -35.09 -2.44 6.40
CA PRO A 175 -35.32 -2.95 7.75
C PRO A 175 -34.25 -3.95 8.17
N VAL A 176 -34.11 -4.13 9.48
CA VAL A 176 -33.16 -5.06 10.05
C VAL A 176 -33.76 -5.61 11.34
N SER A 177 -33.18 -6.69 11.84
CA SER A 177 -33.62 -7.29 13.08
C SER A 177 -32.35 -7.42 13.92
N GLY A 178 -32.35 -6.75 15.07
CA GLY A 178 -31.21 -6.80 15.95
C GLY A 178 -31.54 -6.10 17.23
N LYS A 179 -30.55 -5.99 18.12
CA LYS A 179 -30.76 -5.33 19.40
C LYS A 179 -29.63 -4.34 19.65
N VAL A 180 -29.86 -3.44 20.60
CA VAL A 180 -28.86 -2.45 20.98
C VAL A 180 -27.87 -3.10 21.93
N LEU A 181 -26.59 -3.01 21.61
CA LEU A 181 -25.56 -3.59 22.45
C LEU A 181 -25.15 -2.54 23.47
N PRO A 182 -25.35 -2.82 24.76
CA PRO A 182 -24.99 -1.86 25.82
C PRO A 182 -23.50 -1.54 25.78
N ALA A 183 -23.15 -0.31 26.12
CA ALA A 183 -21.77 0.12 26.13
C ALA A 183 -20.95 -0.67 27.16
N PRO A 187 -12.76 -3.43 28.65
CA PRO A 187 -12.90 -2.33 29.62
C PRO A 187 -12.41 -2.69 31.02
N GLN A 188 -13.02 -3.70 31.62
CA GLN A 188 -12.64 -4.13 32.96
C GLN A 188 -11.27 -4.79 32.97
N MET A 189 -10.24 -3.96 32.83
CA MET A 189 -8.86 -4.43 32.83
C MET A 189 -8.24 -4.08 34.18
N GLY A 190 -7.53 -5.04 34.77
CA GLY A 190 -6.94 -4.79 36.07
C GLY A 190 -5.56 -4.14 36.00
N ALA A 191 -5.13 -3.58 37.13
CA ALA A 191 -3.83 -2.94 37.22
C ALA A 191 -2.75 -3.96 36.89
N ALA A 192 -1.50 -3.50 36.88
CA ALA A 192 -0.37 -4.37 36.59
C ALA A 192 -0.21 -5.40 37.71
N PRO A 193 0.64 -6.42 37.51
CA PRO A 193 0.85 -7.44 38.55
C PRO A 193 1.35 -6.83 39.85
N ASP A 194 0.80 -7.29 40.96
CA ASP A 194 1.19 -6.80 42.28
C ASP A 194 2.68 -6.96 42.57
N ASP A 195 3.29 -8.01 42.04
CA ASP A 195 4.72 -8.24 42.25
C ASP A 195 5.60 -7.24 41.50
N ALA A 196 5.17 -6.86 40.31
CA ALA A 196 5.94 -5.91 39.51
C ALA A 196 5.81 -4.52 40.11
N ILE A 197 4.60 -4.19 40.58
CA ILE A 197 4.37 -2.90 41.20
C ILE A 197 5.28 -2.77 42.42
N ASP A 198 5.27 -3.82 43.27
CA ASP A 198 6.12 -3.82 44.46
C ASP A 198 7.57 -3.66 44.05
N GLN A 199 7.94 -4.30 42.95
CA GLN A 199 9.30 -4.22 42.44
C GLN A 199 9.64 -2.76 42.14
N VAL A 200 8.73 -2.07 41.45
CA VAL A 200 8.93 -0.66 41.09
C VAL A 200 8.96 0.23 42.33
N ALA A 201 8.09 -0.05 43.29
CA ALA A 201 8.04 0.75 44.52
C ALA A 201 9.39 0.69 45.22
N LYS A 202 10.07 -0.45 45.08
CA LYS A 202 11.38 -0.64 45.70
C LYS A 202 12.46 0.10 44.91
N LEU A 203 12.30 0.18 43.59
CA LEU A 203 13.27 0.89 42.77
C LEU A 203 13.16 2.38 43.12
N ILE A 204 11.93 2.83 43.36
CA ILE A 204 11.68 4.22 43.69
C ILE A 204 12.28 4.58 45.04
N ALA A 205 12.07 3.71 46.02
CA ALA A 205 12.59 3.93 47.37
C ALA A 205 14.11 4.03 47.41
N GLN A 206 14.76 3.50 46.37
CA GLN A 206 16.21 3.47 46.28
C GLN A 206 16.81 4.55 45.38
N ALA A 207 16.00 5.11 44.48
CA ALA A 207 16.47 6.12 43.55
C ALA A 207 16.81 7.48 44.16
N LYS A 208 17.89 8.07 43.71
CA LYS A 208 18.32 9.38 44.19
C LYS A 208 17.85 10.47 43.22
N ASN A 209 17.69 10.11 41.96
CA ASN A 209 17.25 11.05 40.93
C ASN A 209 16.18 10.48 40.00
N PRO A 210 15.01 10.14 40.55
CA PRO A 210 13.92 9.58 39.75
C PRO A 210 13.14 10.68 39.03
N ILE A 211 12.44 10.30 37.97
CA ILE A 211 11.63 11.25 37.23
C ILE A 211 10.55 10.54 36.42
N PHE A 212 9.39 11.19 36.30
CA PHE A 212 8.26 10.66 35.56
C PHE A 212 8.23 11.34 34.20
N LEU A 213 8.06 10.54 33.15
CA LEU A 213 7.95 11.07 31.79
C LEU A 213 6.52 10.72 31.38
N LEU A 214 5.69 11.75 31.24
CA LEU A 214 4.29 11.54 30.89
C LEU A 214 4.06 11.55 29.38
N GLY A 215 3.22 10.62 28.92
CA GLY A 215 2.90 10.51 27.52
C GLY A 215 1.39 10.59 27.35
N LEU A 216 0.92 10.31 26.14
CA LEU A 216 -0.51 10.36 25.83
C LEU A 216 -1.47 9.80 26.89
N MET A 217 -1.36 8.50 27.17
CA MET A 217 -2.26 7.87 28.13
C MET A 217 -2.29 8.47 29.53
N ALA A 218 -1.24 9.20 29.90
CA ALA A 218 -1.19 9.82 31.22
C ALA A 218 -2.14 11.02 31.30
N SER A 219 -2.50 11.58 30.15
CA SER A 219 -3.40 12.73 30.10
C SER A 219 -4.88 12.37 29.99
N GLN A 220 -5.19 11.08 29.85
CA GLN A 220 -6.58 10.65 29.75
C GLN A 220 -7.31 11.02 31.05
N PRO A 221 -8.55 11.52 30.94
CA PRO A 221 -9.35 11.91 32.11
C PRO A 221 -9.53 10.85 33.21
N GLU A 222 -9.62 9.59 32.82
CA GLU A 222 -9.78 8.50 33.77
C GLU A 222 -8.54 8.26 34.63
N ASN A 223 -7.41 8.85 34.24
CA ASN A 223 -6.17 8.67 34.99
C ASN A 223 -5.74 9.91 35.77
N SER A 224 -6.50 11.00 35.60
CA SER A 224 -6.19 12.25 36.27
C SER A 224 -6.06 12.17 37.78
N LYS A 225 -7.03 11.56 38.45
CA LYS A 225 -7.00 11.44 39.91
C LYS A 225 -5.82 10.63 40.40
N ALA A 226 -5.59 9.47 39.80
CA ALA A 226 -4.50 8.60 40.18
C ALA A 226 -3.13 9.27 39.97
N LEU A 227 -3.02 10.04 38.89
CA LEU A 227 -1.77 10.75 38.58
C LEU A 227 -1.51 11.82 39.64
N ARG A 228 -2.55 12.59 39.94
CA ARG A 228 -2.46 13.64 40.93
C ARG A 228 -2.03 13.05 42.27
N ARG A 229 -2.63 11.93 42.64
CA ARG A 229 -2.32 11.26 43.90
C ARG A 229 -0.88 10.77 43.97
N LEU A 230 -0.40 10.19 42.87
CA LEU A 230 0.96 9.67 42.83
C LEU A 230 2.01 10.80 42.88
N LEU A 231 1.73 11.91 42.21
CA LEU A 231 2.66 13.03 42.20
C LEU A 231 2.75 13.68 43.58
N GLU A 232 1.58 13.84 44.22
CA GLU A 232 1.49 14.45 45.53
C GLU A 232 2.13 13.59 46.62
N THR A 233 2.02 12.28 46.46
CA THR A 233 2.59 11.35 47.44
C THR A 233 4.11 11.21 47.29
N SER A 234 4.57 11.20 46.05
CA SER A 234 6.00 11.02 45.77
C SER A 234 6.82 12.30 45.66
N HIS A 235 6.25 13.32 45.03
CA HIS A 235 6.94 14.60 44.82
C HIS A 235 8.17 14.41 43.93
N ILE A 236 8.06 13.45 43.01
CA ILE A 236 9.11 13.15 42.06
C ILE A 236 8.92 14.09 40.86
N PRO A 237 10.02 14.62 40.32
CA PRO A 237 9.93 15.53 39.17
C PRO A 237 9.15 14.94 38.01
N VAL A 238 8.59 15.81 37.18
CA VAL A 238 7.79 15.37 36.03
C VAL A 238 8.02 16.19 34.78
N THR A 239 8.12 15.51 33.64
CA THR A 239 8.28 16.17 32.36
C THR A 239 7.28 15.47 31.43
N SER A 240 6.73 16.18 30.46
CA SER A 240 5.75 15.60 29.57
C SER A 240 5.97 15.84 28.08
N THR A 241 5.46 14.92 27.25
CA THR A 241 5.53 15.07 25.80
C THR A 241 4.34 16.00 25.53
N TYR A 242 4.27 16.59 24.35
CA TYR A 242 3.15 17.48 24.06
C TYR A 242 1.79 16.79 24.01
N GLN A 243 1.78 15.48 23.82
CA GLN A 243 0.52 14.75 23.80
C GLN A 243 -0.03 14.64 25.22
N ALA A 244 0.72 15.19 26.17
CA ALA A 244 0.31 15.18 27.57
C ALA A 244 0.58 16.58 28.13
N ALA A 245 0.68 17.55 27.22
CA ALA A 245 0.94 18.93 27.58
C ALA A 245 0.01 19.44 28.65
N GLY A 246 -1.24 19.02 28.60
CA GLY A 246 -2.22 19.49 29.57
C GLY A 246 -2.36 18.68 30.86
N ALA A 247 -1.68 17.55 30.99
CA ALA A 247 -1.80 16.75 32.20
C ALA A 247 -1.26 17.42 33.46
N VAL A 248 -0.17 18.16 33.31
CA VAL A 248 0.45 18.83 34.44
C VAL A 248 1.06 20.13 33.94
N ASN A 249 1.13 21.14 34.80
CA ASN A 249 1.74 22.40 34.39
C ASN A 249 2.57 22.99 35.52
N GLN A 250 3.38 24.00 35.20
CA GLN A 250 4.24 24.64 36.18
C GLN A 250 3.51 25.05 37.45
N ASP A 251 2.36 25.68 37.29
CA ASP A 251 1.55 26.15 38.40
C ASP A 251 0.97 25.11 39.37
N ASN A 252 0.68 23.90 38.90
CA ASN A 252 0.12 22.89 39.80
C ASN A 252 1.09 21.87 40.37
N PHE A 253 2.36 21.97 40.00
CA PHE A 253 3.37 21.04 40.52
C PHE A 253 4.72 21.73 40.52
N SER A 254 5.25 21.97 41.71
CA SER A 254 6.53 22.67 41.85
C SER A 254 7.71 21.97 41.16
N ARG A 255 7.63 20.66 40.99
CA ARG A 255 8.71 19.91 40.36
C ARG A 255 8.47 19.56 38.89
N PHE A 256 7.66 20.39 38.22
CA PHE A 256 7.36 20.19 36.82
C PHE A 256 8.62 20.68 36.07
N ALA A 257 9.06 19.93 35.07
CA ALA A 257 10.26 20.31 34.34
C ALA A 257 10.04 20.77 32.88
N GLY A 258 8.78 21.01 32.53
CA GLY A 258 8.48 21.47 31.18
C GLY A 258 8.16 20.34 30.24
N ARG A 259 7.62 20.67 29.07
CA ARG A 259 7.30 19.68 28.07
C ARG A 259 8.52 19.50 27.18
N VAL A 260 8.79 18.26 26.80
CA VAL A 260 9.95 17.96 25.96
C VAL A 260 9.57 17.53 24.56
N GLY A 261 10.41 17.87 23.60
CA GLY A 261 10.16 17.49 22.22
C GLY A 261 10.22 18.64 21.25
N LEU A 262 10.45 19.85 21.76
CA LEU A 262 10.50 21.03 20.92
C LEU A 262 11.67 21.96 21.20
N PHE A 263 11.87 22.34 22.47
CA PHE A 263 12.95 23.24 22.85
C PHE A 263 14.17 22.47 23.35
N ASN A 264 15.35 22.96 23.02
CA ASN A 264 16.61 22.31 23.37
C ASN A 264 17.25 22.67 24.70
N ASN A 265 16.48 23.14 25.66
CA ASN A 265 17.07 23.51 26.94
C ASN A 265 16.20 23.12 28.12
N GLN A 266 15.22 22.26 27.88
CA GLN A 266 14.30 21.85 28.91
C GLN A 266 14.90 21.12 30.12
N ALA A 267 14.41 21.46 31.30
CA ALA A 267 14.85 20.85 32.53
C ALA A 267 14.47 19.38 32.50
N GLY A 268 13.39 19.07 31.80
CA GLY A 268 12.92 17.70 31.70
C GLY A 268 13.98 16.84 31.03
N ASP A 269 14.60 17.38 29.99
CA ASP A 269 15.65 16.66 29.27
C ASP A 269 16.88 16.45 30.15
N ARG A 270 17.28 17.48 30.88
CA ARG A 270 18.44 17.38 31.76
C ARG A 270 18.22 16.40 32.89
N LEU A 271 17.02 16.41 33.47
CA LEU A 271 16.71 15.50 34.58
C LEU A 271 16.68 14.06 34.09
N LEU A 272 16.18 13.86 32.87
CA LEU A 272 16.11 12.52 32.28
C LEU A 272 17.51 11.98 32.07
N GLN A 273 18.42 12.86 31.65
CA GLN A 273 19.81 12.49 31.42
C GLN A 273 20.47 12.11 32.73
N LEU A 274 20.16 12.87 33.77
CA LEU A 274 20.68 12.65 35.12
C LEU A 274 20.03 11.47 35.84
N ALA A 275 18.79 11.17 35.47
CA ALA A 275 18.03 10.10 36.13
C ALA A 275 18.72 8.75 36.29
N ASP A 276 18.47 8.11 37.43
CA ASP A 276 19.00 6.79 37.69
C ASP A 276 17.80 5.85 37.64
N LEU A 277 16.62 6.45 37.48
CA LEU A 277 15.36 5.73 37.37
C LEU A 277 14.33 6.59 36.62
N VAL A 278 13.90 6.13 35.47
CA VAL A 278 12.90 6.86 34.70
C VAL A 278 11.63 6.04 34.60
N ILE A 279 10.52 6.65 34.99
CA ILE A 279 9.24 5.98 34.92
C ILE A 279 8.34 6.68 33.91
N CYS A 280 8.11 5.99 32.79
CA CYS A 280 7.28 6.51 31.73
C CYS A 280 5.84 6.08 31.96
N ILE A 281 4.91 7.01 31.77
CA ILE A 281 3.51 6.71 31.97
C ILE A 281 2.71 7.02 30.73
N GLY A 282 2.09 5.99 30.15
CA GLY A 282 1.29 6.16 28.94
C GLY A 282 2.11 6.75 27.82
N TYR A 283 3.39 6.40 27.81
CA TYR A 283 4.33 6.90 26.83
C TYR A 283 4.71 5.92 25.73
N SER A 284 4.84 6.46 24.52
CA SER A 284 5.25 5.68 23.35
C SER A 284 6.44 6.42 22.75
N PRO A 285 7.46 5.68 22.29
CA PRO A 285 8.65 6.28 21.69
C PRO A 285 8.34 7.25 20.55
N VAL A 286 7.17 7.09 19.94
CA VAL A 286 6.76 7.95 18.82
C VAL A 286 6.39 9.37 19.27
N GLU A 287 6.13 9.54 20.56
CA GLU A 287 5.77 10.86 21.08
C GLU A 287 6.98 11.77 21.18
N TYR A 288 8.16 11.18 21.38
CA TYR A 288 9.38 11.94 21.51
C TYR A 288 10.59 11.00 21.41
N GLU A 289 11.41 11.24 20.39
CA GLU A 289 12.60 10.43 20.13
C GLU A 289 13.37 10.05 21.38
N PRO A 290 13.40 8.75 21.72
CA PRO A 290 14.11 8.24 22.90
C PRO A 290 15.59 8.61 22.90
N ALA A 291 16.17 8.74 21.71
CA ALA A 291 17.59 9.09 21.58
C ALA A 291 17.83 10.48 22.12
N MET A 292 16.76 11.26 22.22
CA MET A 292 16.86 12.63 22.73
C MET A 292 17.04 12.71 24.24
N TRP A 293 16.62 11.68 24.96
CA TRP A 293 16.72 11.71 26.42
C TRP A 293 17.25 10.47 27.13
N ASN A 294 17.12 9.30 26.51
CA ASN A 294 17.57 8.07 27.15
C ASN A 294 19.05 7.75 26.99
N SER A 295 19.82 7.99 28.05
CA SER A 295 21.25 7.75 28.06
C SER A 295 21.57 6.29 28.37
N GLY A 296 20.57 5.52 28.75
CA GLY A 296 20.77 4.12 29.05
C GLY A 296 21.38 3.89 30.43
N ASN A 297 21.80 4.96 31.09
CA ASN A 297 22.40 4.84 32.42
C ASN A 297 21.38 4.80 33.56
N ALA A 298 20.11 4.57 33.23
CA ALA A 298 19.07 4.54 34.26
C ALA A 298 18.12 3.36 34.11
N THR A 299 17.59 2.89 35.25
CA THR A 299 16.63 1.80 35.23
C THR A 299 15.40 2.36 34.53
N LEU A 300 14.82 1.60 33.62
CA LEU A 300 13.66 2.07 32.88
C LEU A 300 12.39 1.31 33.16
N VAL A 301 11.36 2.03 33.61
CA VAL A 301 10.07 1.42 33.89
C VAL A 301 9.04 1.97 32.90
N HIS A 302 8.26 1.06 32.33
CA HIS A 302 7.24 1.41 31.35
C HIS A 302 5.85 1.09 31.88
N ILE A 303 5.02 2.12 32.06
CA ILE A 303 3.65 1.95 32.53
C ILE A 303 2.68 2.44 31.46
N ASP A 304 1.82 1.53 30.99
CA ASP A 304 0.85 1.88 29.96
C ASP A 304 -0.18 0.77 29.79
N VAL A 305 -1.21 1.04 28.98
CA VAL A 305 -2.26 0.05 28.75
C VAL A 305 -1.77 -0.99 27.76
N LEU A 306 -0.58 -0.78 27.22
CA LEU A 306 -0.02 -1.70 26.25
C LEU A 306 1.49 -1.90 26.40
N PRO A 307 2.00 -3.05 25.94
CA PRO A 307 3.42 -3.35 26.01
C PRO A 307 4.20 -2.27 25.28
N ALA A 308 5.46 -2.09 25.65
CA ALA A 308 6.30 -1.08 25.02
C ALA A 308 6.80 -1.48 23.64
N TYR A 309 7.05 -0.49 22.80
CA TYR A 309 7.58 -0.72 21.47
C TYR A 309 9.09 -0.68 21.64
N GLU A 310 9.70 -1.86 21.83
CA GLU A 310 11.14 -1.93 22.02
C GLU A 310 11.86 -1.13 20.95
N GLU A 311 12.96 -0.49 21.34
CA GLU A 311 13.72 0.30 20.40
C GLU A 311 15.15 0.50 20.93
N ARG A 312 16.07 0.83 20.03
CA ARG A 312 17.46 1.04 20.40
C ARG A 312 17.61 1.80 21.71
N ASN A 313 16.87 2.90 21.83
CA ASN A 313 16.94 3.72 23.04
C ASN A 313 15.70 3.63 23.91
N TYR A 314 15.04 2.47 23.88
CA TYR A 314 13.85 2.29 24.71
C TYR A 314 13.58 0.81 24.95
N THR A 315 14.40 0.22 25.81
CA THR A 315 14.27 -1.19 26.18
C THR A 315 13.99 -1.21 27.69
N PRO A 316 12.71 -1.08 28.07
CA PRO A 316 12.26 -1.08 29.46
C PRO A 316 12.81 -2.23 30.29
N ASP A 317 13.26 -1.92 31.51
CA ASP A 317 13.77 -2.94 32.40
C ASP A 317 12.55 -3.62 33.02
N VAL A 318 11.50 -2.84 33.25
CA VAL A 318 10.26 -3.34 33.82
C VAL A 318 9.08 -2.75 33.07
N GLU A 319 8.09 -3.58 32.78
CA GLU A 319 6.91 -3.12 32.06
C GLU A 319 5.63 -3.45 32.84
N LEU A 320 4.91 -2.41 33.24
CA LEU A 320 3.67 -2.57 33.96
C LEU A 320 2.53 -2.28 32.99
N VAL A 321 1.95 -3.35 32.46
CA VAL A 321 0.84 -3.24 31.52
C VAL A 321 -0.48 -3.52 32.23
N GLY A 322 -1.47 -2.70 31.95
CA GLY A 322 -2.77 -2.89 32.59
C GLY A 322 -3.45 -1.55 32.78
N ASP A 323 -4.43 -1.50 33.68
CA ASP A 323 -5.15 -0.27 33.95
C ASP A 323 -4.19 0.73 34.58
N ILE A 324 -3.93 1.82 33.88
CA ILE A 324 -3.02 2.86 34.35
C ILE A 324 -3.41 3.42 35.73
N ALA A 325 -4.68 3.80 35.87
CA ALA A 325 -5.15 4.35 37.13
C ALA A 325 -4.97 3.37 38.28
N GLY A 326 -5.26 2.10 38.03
CA GLY A 326 -5.10 1.10 39.05
C GLY A 326 -3.65 0.92 39.45
N THR A 327 -2.79 0.88 38.44
CA THR A 327 -1.37 0.70 38.65
C THR A 327 -0.75 1.89 39.38
N LEU A 328 -1.18 3.10 39.03
CA LEU A 328 -0.66 4.30 39.69
C LEU A 328 -1.15 4.42 41.11
N ASN A 329 -2.40 4.02 41.35
CA ASN A 329 -2.95 4.09 42.70
C ASN A 329 -2.21 3.11 43.60
N LYS A 330 -2.00 1.90 43.12
CA LYS A 330 -1.29 0.88 43.90
C LYS A 330 0.13 1.33 44.22
N LEU A 331 0.80 1.91 43.24
CA LEU A 331 2.17 2.38 43.40
C LEU A 331 2.20 3.47 44.47
N ALA A 332 1.25 4.39 44.39
CA ALA A 332 1.15 5.48 45.34
C ALA A 332 1.03 4.95 46.77
N GLN A 333 0.35 3.82 46.93
CA GLN A 333 0.16 3.21 48.23
C GLN A 333 1.43 2.56 48.76
N ASN A 334 2.43 2.41 47.90
CA ASN A 334 3.69 1.79 48.30
C ASN A 334 4.85 2.77 48.38
N ILE A 335 4.52 4.03 48.61
CA ILE A 335 5.52 5.07 48.75
C ILE A 335 5.48 5.58 50.18
N ASP A 336 6.57 5.38 50.92
CA ASP A 336 6.63 5.79 52.32
C ASP A 336 6.94 7.26 52.56
N HIS A 337 7.67 7.89 51.65
CA HIS A 337 8.03 9.28 51.82
C HIS A 337 8.18 10.07 50.53
N ARG A 338 8.14 11.39 50.65
CA ARG A 338 8.31 12.26 49.50
C ARG A 338 9.79 12.36 49.17
N LEU A 339 10.08 12.51 47.89
CA LEU A 339 11.46 12.61 47.44
C LEU A 339 12.16 13.88 47.90
N VAL A 340 13.38 13.71 48.39
CA VAL A 340 14.20 14.83 48.80
C VAL A 340 15.13 14.99 47.59
N LEU A 341 14.96 16.09 46.87
CA LEU A 341 15.75 16.34 45.68
C LEU A 341 17.26 16.31 45.92
N SER A 342 17.98 15.72 44.98
CA SER A 342 19.42 15.66 45.07
C SER A 342 19.90 17.08 44.76
N PRO A 343 21.13 17.42 45.19
CA PRO A 343 21.62 18.78 44.91
C PRO A 343 21.55 19.10 43.41
N GLN A 344 21.89 18.11 42.59
CA GLN A 344 21.89 18.29 41.13
C GLN A 344 20.48 18.53 40.57
N ALA A 345 19.53 17.69 40.97
CA ALA A 345 18.16 17.84 40.50
C ALA A 345 17.61 19.21 40.88
N ALA A 346 17.77 19.58 42.15
CA ALA A 346 17.30 20.87 42.64
C ALA A 346 17.93 22.03 41.86
N GLU A 347 19.18 21.83 41.45
CA GLU A 347 19.92 22.84 40.70
C GLU A 347 19.28 23.04 39.33
N ILE A 348 18.91 21.93 38.69
CA ILE A 348 18.29 21.98 37.38
C ILE A 348 16.94 22.70 37.44
N LEU A 349 16.20 22.45 38.51
CA LEU A 349 14.90 23.09 38.68
C LEU A 349 15.12 24.57 38.99
N ARG A 350 16.25 24.86 39.61
CA ARG A 350 16.61 26.22 39.97
C ARG A 350 16.89 26.98 38.69
N ASP A 351 17.50 26.30 37.72
CA ASP A 351 17.82 26.93 36.45
C ASP A 351 16.57 27.18 35.58
N ARG A 352 15.60 26.27 35.64
CA ARG A 352 14.37 26.44 34.86
C ARG A 352 13.64 27.66 35.41
N GLN A 353 13.78 27.85 36.72
CA GLN A 353 13.18 28.96 37.43
C GLN A 353 13.79 30.25 36.87
N HIS A 354 15.09 30.23 36.68
CA HIS A 354 15.82 31.37 36.15
C HIS A 354 15.44 31.65 34.70
N GLN A 355 15.33 30.60 33.88
CA GLN A 355 14.98 30.81 32.49
C GLN A 355 13.56 31.33 32.34
N ARG A 356 12.66 30.88 33.20
CA ARG A 356 11.29 31.38 33.12
C ARG A 356 11.32 32.87 33.49
N GLU A 357 12.18 33.22 34.44
CA GLU A 357 12.31 34.60 34.86
C GLU A 357 12.77 35.43 33.65
N LEU A 358 13.75 34.91 32.93
CA LEU A 358 14.28 35.60 31.75
C LEU A 358 13.27 35.67 30.60
N LEU A 359 12.47 34.62 30.42
CA LEU A 359 11.48 34.61 29.35
C LEU A 359 10.35 35.58 29.68
N ASP A 360 10.17 35.84 30.97
CA ASP A 360 9.11 36.75 31.42
C ASP A 360 9.41 38.21 31.16
N ARG A 361 8.35 39.02 31.14
CA ARG A 361 8.50 40.46 30.90
C ARG A 361 7.20 41.18 31.28
N ARG A 362 6.68 40.84 32.46
CA ARG A 362 5.46 41.43 32.98
C ARG A 362 5.60 42.93 33.27
N GLY A 363 6.82 43.43 33.20
CA GLY A 363 7.05 44.84 33.47
C GLY A 363 7.54 45.67 32.30
N ALA A 364 7.73 45.03 31.14
CA ALA A 364 8.20 45.73 29.95
C ALA A 364 7.07 46.47 29.25
N GLN A 365 7.41 47.53 28.54
CA GLN A 365 6.42 48.33 27.83
C GLN A 365 5.81 47.55 26.66
N LEU A 366 6.66 47.13 25.72
CA LEU A 366 6.21 46.35 24.56
C LEU A 366 5.01 47.00 23.85
N ASN A 367 5.10 48.29 23.56
CA ASN A 367 3.99 48.97 22.91
C ASN A 367 4.19 49.22 21.42
N GLN A 368 5.05 48.42 20.79
CA GLN A 368 5.29 48.57 19.37
C GLN A 368 4.07 48.08 18.58
N PHE A 369 3.97 48.50 17.33
CA PHE A 369 2.87 48.09 16.48
C PHE A 369 3.39 48.02 15.04
N ALA A 370 3.14 46.91 14.33
CA ALA A 370 2.39 45.75 14.81
C ALA A 370 2.96 45.13 16.09
N LEU A 371 2.08 44.46 16.82
CA LEU A 371 2.43 43.83 18.10
C LEU A 371 3.56 42.82 18.13
N HIS A 372 4.33 42.86 19.22
CA HIS A 372 5.42 41.91 19.40
C HIS A 372 4.77 40.63 19.93
N PRO A 373 5.21 39.46 19.43
CA PRO A 373 4.64 38.20 19.87
C PRO A 373 4.53 38.07 21.39
N LEU A 374 5.53 38.58 22.09
CA LEU A 374 5.55 38.50 23.55
C LEU A 374 4.43 39.33 24.19
N ARG A 375 4.11 40.46 23.59
CA ARG A 375 3.05 41.32 24.11
C ARG A 375 1.70 40.63 23.94
N ILE A 376 1.52 39.92 22.83
CA ILE A 376 0.29 39.19 22.57
C ILE A 376 0.18 38.00 23.52
N VAL A 377 1.29 37.31 23.75
CA VAL A 377 1.30 36.17 24.64
C VAL A 377 0.93 36.61 26.06
N ARG A 378 1.41 37.78 26.47
CA ARG A 378 1.09 38.27 27.80
C ARG A 378 -0.41 38.57 27.90
N ALA A 379 -0.95 39.21 26.87
CA ALA A 379 -2.36 39.55 26.85
C ALA A 379 -3.23 38.29 26.86
N MET A 380 -2.76 37.24 26.20
CA MET A 380 -3.51 35.99 26.17
C MET A 380 -3.52 35.36 27.55
N GLN A 381 -2.42 35.50 28.27
CA GLN A 381 -2.33 34.95 29.61
C GLN A 381 -3.31 35.65 30.54
N ASP A 382 -3.56 36.94 30.29
CA ASP A 382 -4.49 37.71 31.12
C ASP A 382 -5.94 37.24 31.06
N ILE A 383 -6.37 36.74 29.91
CA ILE A 383 -7.76 36.30 29.79
C ILE A 383 -7.96 34.80 29.95
N VAL A 384 -6.88 34.04 29.79
CA VAL A 384 -6.99 32.60 29.92
C VAL A 384 -6.75 32.16 31.36
N ASN A 385 -7.82 31.77 32.04
CA ASN A 385 -7.72 31.31 33.43
C ASN A 385 -8.21 29.88 33.59
N SER A 386 -8.25 29.41 34.83
CA SER A 386 -8.65 28.03 35.12
C SER A 386 -10.05 27.60 34.70
N ASP A 387 -10.90 28.55 34.30
CA ASP A 387 -12.25 28.21 33.85
C ASP A 387 -12.34 28.35 32.34
N VAL A 388 -11.20 28.59 31.70
CA VAL A 388 -11.17 28.77 30.26
C VAL A 388 -10.34 27.71 29.56
N THR A 389 -10.92 27.11 28.52
CA THR A 389 -10.22 26.12 27.72
C THR A 389 -9.52 26.88 26.60
N LEU A 390 -8.34 26.43 26.20
CA LEU A 390 -7.58 27.09 25.14
C LEU A 390 -7.20 26.13 24.02
N THR A 391 -7.53 26.48 22.79
CA THR A 391 -7.17 25.65 21.64
C THR A 391 -6.20 26.45 20.80
N VAL A 392 -5.19 25.75 20.27
CA VAL A 392 -4.14 26.40 19.49
C VAL A 392 -3.95 25.76 18.13
N ASP A 393 -3.95 26.60 17.09
CA ASP A 393 -3.78 26.14 15.72
C ASP A 393 -2.29 25.92 15.44
N MET A 394 -1.95 25.72 14.18
CA MET A 394 -0.56 25.51 13.79
C MET A 394 -0.04 26.72 12.99
N GLY A 395 1.20 27.11 13.30
CA GLY A 395 1.82 28.25 12.66
C GLY A 395 2.87 28.78 13.62
N SER A 396 3.56 29.85 13.24
CA SER A 396 4.61 30.42 14.08
C SER A 396 4.16 30.80 15.51
N PHE A 397 2.97 31.36 15.65
CA PHE A 397 2.42 31.74 16.95
C PHE A 397 2.35 30.50 17.86
N HIS A 398 2.22 29.33 17.25
CA HIS A 398 2.15 28.07 17.99
C HIS A 398 3.44 27.86 18.79
N ILE A 399 4.58 28.16 18.18
CA ILE A 399 5.86 27.98 18.85
C ILE A 399 5.97 28.96 20.03
N TRP A 400 5.46 30.17 19.84
CA TRP A 400 5.48 31.17 20.88
C TRP A 400 4.67 30.72 22.09
N ILE A 401 3.47 30.21 21.83
CA ILE A 401 2.60 29.75 22.89
C ILE A 401 3.19 28.54 23.61
N ALA A 402 3.78 27.61 22.88
CA ALA A 402 4.36 26.43 23.49
C ALA A 402 5.51 26.80 24.42
N ARG A 403 6.32 27.77 24.00
CA ARG A 403 7.45 28.23 24.80
C ARG A 403 6.96 28.75 26.15
N TYR A 404 5.77 29.35 26.14
CA TYR A 404 5.20 29.89 27.36
C TYR A 404 4.05 29.10 27.96
N LEU A 405 3.95 27.81 27.64
CA LEU A 405 2.88 27.01 28.21
C LEU A 405 2.91 27.02 29.73
N TYR A 406 4.08 27.26 30.29
CA TYR A 406 4.23 27.30 31.74
C TYR A 406 3.50 28.52 32.33
N THR A 407 3.12 29.47 31.48
CA THR A 407 2.43 30.68 31.95
C THR A 407 0.92 30.68 31.73
N PHE A 408 0.40 29.65 31.07
CA PHE A 408 -1.03 29.59 30.85
C PHE A 408 -1.71 28.75 31.92
N ARG A 409 -2.63 29.37 32.65
CA ARG A 409 -3.36 28.69 33.71
C ARG A 409 -4.76 28.34 33.23
N ALA A 410 -4.84 27.62 32.12
CA ALA A 410 -6.12 27.25 31.56
C ALA A 410 -6.67 25.97 32.17
N ARG A 411 -7.98 25.83 32.13
CA ARG A 411 -8.61 24.62 32.66
C ARG A 411 -8.02 23.45 31.87
N GLN A 412 -7.87 23.66 30.57
CA GLN A 412 -7.33 22.64 29.67
C GLN A 412 -6.86 23.30 28.39
N VAL A 413 -5.88 22.67 27.73
CA VAL A 413 -5.32 23.20 26.50
C VAL A 413 -5.19 22.12 25.43
N MET A 414 -5.68 22.43 24.24
CA MET A 414 -5.57 21.53 23.11
C MET A 414 -4.54 22.18 22.21
N ILE A 415 -3.36 21.58 22.13
CA ILE A 415 -2.30 22.12 21.32
C ILE A 415 -1.53 21.06 20.53
N SER A 416 -1.40 19.87 21.10
CA SER A 416 -0.68 18.79 20.45
C SER A 416 -1.18 18.61 19.01
N ASN A 417 -0.25 18.54 18.06
CA ASN A 417 -0.60 18.44 16.65
C ASN A 417 0.58 17.89 15.85
N GLY A 418 0.85 16.61 16.03
CA GLY A 418 1.95 15.96 15.33
C GLY A 418 1.93 16.11 13.82
N GLN A 419 0.76 16.01 13.21
CA GLN A 419 0.67 16.15 11.76
C GLN A 419 0.82 17.61 11.35
N GLN A 420 0.76 18.50 12.34
CA GLN A 420 0.89 19.94 12.12
C GLN A 420 -0.22 20.45 11.24
N THR A 421 -1.43 19.93 11.45
CA THR A 421 -2.58 20.33 10.66
C THR A 421 -3.09 21.71 11.05
N MET A 422 -3.19 22.60 10.08
CA MET A 422 -3.69 23.94 10.35
C MET A 422 -5.21 23.96 10.21
N GLY A 423 -5.86 24.90 10.91
CA GLY A 423 -7.31 25.03 10.86
C GLY A 423 -8.08 24.33 11.95
N VAL A 424 -7.39 23.67 12.86
CA VAL A 424 -8.03 22.92 13.94
C VAL A 424 -8.55 23.72 15.14
N ALA A 425 -7.96 24.87 15.40
CA ALA A 425 -8.32 25.69 16.56
C ALA A 425 -9.80 26.03 16.74
N LEU A 426 -10.39 26.74 15.77
CA LEU A 426 -11.80 27.11 15.90
C LEU A 426 -12.72 25.89 16.09
N PRO A 427 -12.59 24.86 15.22
CA PRO A 427 -13.43 23.67 15.35
C PRO A 427 -13.22 22.97 16.70
N TRP A 428 -11.98 22.95 17.18
CA TRP A 428 -11.68 22.35 18.48
C TRP A 428 -12.41 23.09 19.59
N ALA A 429 -12.41 24.42 19.51
CA ALA A 429 -13.05 25.26 20.52
C ALA A 429 -14.55 25.06 20.58
N ILE A 430 -15.18 24.95 19.43
CA ILE A 430 -16.62 24.73 19.36
C ILE A 430 -16.97 23.40 20.00
N GLY A 431 -16.15 22.39 19.73
CA GLY A 431 -16.39 21.07 20.28
C GLY A 431 -16.15 21.10 21.78
N ALA A 432 -15.11 21.81 22.20
CA ALA A 432 -14.79 21.91 23.62
C ALA A 432 -15.90 22.66 24.34
N TRP A 433 -16.46 23.66 23.67
CA TRP A 433 -17.54 24.45 24.26
C TRP A 433 -18.79 23.61 24.45
N LEU A 434 -19.12 22.78 23.46
CA LEU A 434 -20.30 21.93 23.54
C LEU A 434 -20.25 20.93 24.67
N VAL A 435 -19.03 20.59 25.11
CA VAL A 435 -18.86 19.65 26.22
C VAL A 435 -19.16 20.36 27.54
N ASN A 436 -18.84 21.64 27.61
CA ASN A 436 -19.09 22.47 28.80
C ASN A 436 -19.55 23.86 28.37
N PRO A 437 -20.79 23.96 27.86
CA PRO A 437 -21.37 25.22 27.38
C PRO A 437 -21.43 26.35 28.41
N GLU A 438 -21.17 26.05 29.67
CA GLU A 438 -21.21 27.09 30.70
C GLU A 438 -19.86 27.79 30.81
N ARG A 439 -18.81 27.14 30.28
CA ARG A 439 -17.46 27.69 30.32
C ARG A 439 -17.13 28.47 29.05
N LYS A 440 -16.03 29.20 29.08
CA LYS A 440 -15.60 30.00 27.95
C LYS A 440 -14.44 29.28 27.24
N VAL A 441 -14.34 29.45 25.93
CA VAL A 441 -13.25 28.83 25.20
C VAL A 441 -12.51 29.88 24.37
N VAL A 442 -11.19 29.78 24.35
CA VAL A 442 -10.39 30.71 23.57
C VAL A 442 -9.60 29.92 22.54
N SER A 443 -9.77 30.28 21.27
CA SER A 443 -9.06 29.62 20.18
C SER A 443 -8.11 30.64 19.56
N VAL A 444 -6.96 30.16 19.10
CA VAL A 444 -5.98 31.06 18.51
C VAL A 444 -5.32 30.44 17.29
N SER A 445 -5.19 31.24 16.23
CA SER A 445 -4.60 30.79 14.98
C SER A 445 -3.96 31.96 14.25
N GLY A 446 -3.37 31.66 13.10
CA GLY A 446 -2.79 32.69 12.25
C GLY A 446 -3.84 32.95 11.18
N ASP A 447 -3.57 33.84 10.22
CA ASP A 447 -4.56 34.11 9.18
C ASP A 447 -4.70 32.91 8.25
N GLY A 448 -3.62 32.17 8.05
CA GLY A 448 -3.67 31.01 7.20
C GLY A 448 -4.64 29.95 7.73
N GLY A 449 -4.44 29.54 8.98
CA GLY A 449 -5.31 28.52 9.57
C GLY A 449 -6.75 28.99 9.74
N PHE A 450 -6.92 30.23 10.16
CA PHE A 450 -8.24 30.79 10.35
C PHE A 450 -9.10 30.63 9.09
N LEU A 451 -8.56 31.01 7.95
CA LEU A 451 -9.32 30.93 6.71
C LEU A 451 -9.59 29.51 6.20
N GLN A 452 -8.99 28.49 6.82
CA GLN A 452 -9.25 27.12 6.37
C GLN A 452 -10.49 26.54 7.05
N SER A 453 -10.88 27.09 8.18
CA SER A 453 -12.05 26.59 8.89
C SER A 453 -13.00 27.70 9.36
N SER A 454 -12.70 28.94 8.99
CA SER A 454 -13.51 30.07 9.41
C SER A 454 -14.98 29.95 9.01
N MET A 455 -15.28 29.08 8.05
CA MET A 455 -16.67 28.90 7.65
C MET A 455 -17.47 28.41 8.85
N GLU A 456 -16.80 27.75 9.80
CA GLU A 456 -17.48 27.28 11.00
C GLU A 456 -17.88 28.42 11.93
N LEU A 457 -17.62 29.66 11.51
CA LEU A 457 -18.02 30.82 12.31
C LEU A 457 -19.53 30.91 12.29
N GLU A 458 -20.14 30.50 11.18
CA GLU A 458 -21.60 30.54 11.06
C GLU A 458 -22.16 29.51 12.04
N THR A 459 -21.49 28.36 12.12
CA THR A 459 -21.90 27.30 13.03
C THR A 459 -21.85 27.84 14.46
N ALA A 460 -20.76 28.53 14.78
CA ALA A 460 -20.59 29.11 16.11
C ALA A 460 -21.70 30.09 16.47
N VAL A 461 -22.01 31.02 15.57
CA VAL A 461 -23.06 32.00 15.80
C VAL A 461 -24.41 31.32 15.98
N ARG A 462 -24.66 30.30 15.16
CA ARG A 462 -25.91 29.54 15.21
C ARG A 462 -26.05 28.87 16.57
N LEU A 463 -24.94 28.40 17.12
CA LEU A 463 -24.97 27.72 18.41
C LEU A 463 -24.84 28.71 19.55
N LYS A 464 -24.53 29.96 19.22
CA LYS A 464 -24.33 30.98 20.25
C LYS A 464 -23.19 30.43 21.11
N ALA A 465 -22.22 29.82 20.44
CA ALA A 465 -21.06 29.24 21.12
C ALA A 465 -20.23 30.36 21.71
N ASN A 466 -19.91 30.24 22.99
CA ASN A 466 -19.13 31.26 23.68
C ASN A 466 -17.65 31.05 23.44
N VAL A 467 -17.26 31.23 22.19
CA VAL A 467 -15.87 31.06 21.77
C VAL A 467 -15.27 32.39 21.36
N LEU A 468 -14.04 32.62 21.80
CA LEU A 468 -13.31 33.83 21.44
C LEU A 468 -12.13 33.37 20.58
N HIS A 469 -12.12 33.76 19.31
CA HIS A 469 -11.03 33.36 18.43
C HIS A 469 -10.07 34.51 18.18
N LEU A 470 -8.80 34.26 18.41
CA LEU A 470 -7.76 35.27 18.20
C LEU A 470 -6.99 34.95 16.93
N ILE A 471 -6.81 35.96 16.09
CA ILE A 471 -6.07 35.77 14.84
C ILE A 471 -4.78 36.58 14.85
N TRP A 472 -3.65 35.90 14.74
CA TRP A 472 -2.35 36.58 14.66
C TRP A 472 -2.21 36.88 13.17
N VAL A 473 -2.23 38.16 12.80
CA VAL A 473 -2.16 38.57 11.40
C VAL A 473 -0.80 39.06 10.90
N ASP A 474 -0.26 38.39 9.89
CA ASP A 474 1.03 38.78 9.29
C ASP A 474 0.87 38.83 7.78
N ASN A 475 -0.32 38.44 7.30
CA ASN A 475 -0.63 38.38 5.88
C ASN A 475 0.27 37.39 5.16
N GLY A 476 0.44 36.21 5.76
CA GLY A 476 1.25 35.19 5.12
C GLY A 476 1.43 33.94 5.96
N TYR A 477 2.05 32.93 5.37
CA TYR A 477 2.33 31.67 6.06
C TYR A 477 3.71 31.84 6.68
N ASN A 478 3.76 32.47 7.85
CA ASN A 478 5.03 32.71 8.50
C ASN A 478 5.86 31.50 8.92
N MET A 479 5.21 30.48 9.48
CA MET A 479 5.97 29.32 9.92
C MET A 479 6.72 28.65 8.78
N VAL A 480 6.17 28.72 7.58
CA VAL A 480 6.84 28.15 6.42
C VAL A 480 7.87 29.16 5.91
N ALA A 481 7.54 30.45 6.01
CA ALA A 481 8.45 31.48 5.55
C ALA A 481 9.77 31.51 6.32
N ILE A 482 9.72 31.33 7.64
CA ILE A 482 10.95 31.35 8.44
C ILE A 482 11.82 30.13 8.17
N GLN A 483 11.21 29.08 7.65
CA GLN A 483 11.95 27.87 7.32
C GLN A 483 12.64 28.10 5.97
N GLU A 484 11.93 28.73 5.05
CA GLU A 484 12.48 29.00 3.73
C GLU A 484 13.63 30.02 3.86
N GLU A 485 13.44 31.01 4.74
CA GLU A 485 14.47 32.03 4.95
C GLU A 485 15.73 31.39 5.52
N LYS A 486 15.56 30.46 6.46
CA LYS A 486 16.68 29.77 7.07
C LYS A 486 17.41 28.85 6.08
N LYS A 487 16.69 28.32 5.11
CA LYS A 487 17.30 27.42 4.16
C LYS A 487 17.72 28.04 2.83
N TYR A 488 16.96 29.01 2.34
CA TYR A 488 17.26 29.61 1.05
C TYR A 488 17.45 31.12 1.05
N GLN A 489 17.13 31.76 2.18
CA GLN A 489 17.28 33.21 2.31
C GLN A 489 16.44 33.98 1.30
N ARG A 490 15.33 33.39 0.91
CA ARG A 490 14.39 34.01 -0.02
C ARG A 490 13.06 33.27 0.18
N LEU A 491 11.96 33.95 -0.09
CA LEU A 491 10.63 33.40 0.12
C LEU A 491 9.86 32.96 -1.12
N SER A 492 9.05 31.91 -0.98
CA SER A 492 8.24 31.44 -2.09
C SER A 492 6.89 30.86 -1.65
N GLY A 493 5.82 31.40 -2.24
CA GLY A 493 4.48 30.93 -1.92
C GLY A 493 4.01 31.13 -0.50
N VAL A 494 4.61 32.09 0.21
CA VAL A 494 4.24 32.33 1.62
C VAL A 494 3.65 33.70 1.90
N GLU A 495 3.37 34.48 0.86
CA GLU A 495 2.81 35.81 1.07
C GLU A 495 1.46 36.01 0.38
N PHE A 496 0.50 36.58 1.10
CA PHE A 496 -0.81 36.84 0.51
C PHE A 496 -1.34 38.23 0.89
N GLY A 497 -2.51 38.58 0.37
CA GLY A 497 -3.08 39.89 0.63
C GLY A 497 -3.69 40.09 2.01
N PRO A 498 -3.99 41.34 2.38
CA PRO A 498 -4.59 41.66 3.68
C PRO A 498 -6.10 41.51 3.64
N MET A 499 -6.71 41.49 4.82
CA MET A 499 -8.16 41.36 4.93
C MET A 499 -8.71 42.18 6.10
N ASP A 500 -9.98 42.57 5.98
CA ASP A 500 -10.64 43.30 7.06
C ASP A 500 -11.35 42.21 7.86
N PHE A 501 -10.66 41.69 8.89
CA PHE A 501 -11.21 40.61 9.70
C PHE A 501 -12.37 41.00 10.59
N LYS A 502 -12.38 42.26 11.04
CA LYS A 502 -13.47 42.71 11.89
C LYS A 502 -14.76 42.61 11.07
N ALA A 503 -14.73 43.12 9.85
CA ALA A 503 -15.90 43.07 8.99
C ALA A 503 -16.18 41.63 8.57
N TYR A 504 -15.13 40.84 8.41
CA TYR A 504 -15.28 39.44 8.00
C TYR A 504 -16.14 38.74 9.06
N ALA A 505 -15.72 38.88 10.31
CA ALA A 505 -16.40 38.27 11.45
C ALA A 505 -17.84 38.78 11.59
N GLU A 506 -18.02 40.08 11.58
CA GLU A 506 -19.34 40.65 11.73
C GLU A 506 -20.33 40.24 10.63
N SER A 507 -19.81 39.86 9.46
CA SER A 507 -20.70 39.45 8.38
C SER A 507 -21.41 38.13 8.75
N PHE A 508 -20.88 37.42 9.74
CA PHE A 508 -21.48 36.16 10.20
C PHE A 508 -22.48 36.44 11.31
N GLY A 509 -22.35 37.60 11.94
CA GLY A 509 -23.24 37.94 13.03
C GLY A 509 -22.50 37.82 14.35
N ALA A 510 -21.19 37.62 14.28
CA ALA A 510 -20.37 37.52 15.48
C ALA A 510 -19.74 38.88 15.77
N LYS A 511 -19.22 39.07 16.97
CA LYS A 511 -18.59 40.33 17.32
C LYS A 511 -17.16 40.35 16.78
N GLY A 512 -16.83 41.39 16.01
CA GLY A 512 -15.50 41.49 15.46
C GLY A 512 -14.70 42.64 16.04
N PHE A 513 -13.38 42.45 16.13
CA PHE A 513 -12.48 43.49 16.65
C PHE A 513 -11.17 43.43 15.89
N ALA A 514 -10.50 44.58 15.80
CA ALA A 514 -9.20 44.65 15.13
C ALA A 514 -8.28 45.60 15.90
N VAL A 515 -7.25 45.05 16.53
CA VAL A 515 -6.31 45.85 17.32
C VAL A 515 -5.55 46.82 16.41
N GLU A 516 -5.59 48.11 16.75
CA GLU A 516 -4.90 49.12 15.96
C GLU A 516 -3.69 49.74 16.65
N SER A 517 -3.38 49.26 17.84
CA SER A 517 -2.24 49.74 18.61
C SER A 517 -2.04 48.80 19.78
N ALA A 518 -0.83 48.76 20.32
CA ALA A 518 -0.54 47.90 21.45
C ALA A 518 -1.46 48.24 22.63
N GLU A 519 -1.61 49.53 22.90
CA GLU A 519 -2.44 50.00 24.00
C GLU A 519 -3.86 49.42 24.01
N ALA A 520 -4.39 49.17 22.82
CA ALA A 520 -5.75 48.66 22.69
C ALA A 520 -5.89 47.14 22.85
N LEU A 521 -4.76 46.44 22.85
CA LEU A 521 -4.77 44.98 22.96
C LEU A 521 -5.56 44.41 24.13
N GLU A 522 -5.08 44.63 25.36
CA GLU A 522 -5.76 44.11 26.54
C GLU A 522 -7.24 44.50 26.61
N PRO A 523 -7.54 45.80 26.46
CA PRO A 523 -8.94 46.27 26.51
C PRO A 523 -9.81 45.54 25.50
N THR A 524 -9.27 45.35 24.29
CA THR A 524 -10.01 44.66 23.24
C THR A 524 -10.25 43.20 23.62
N LEU A 525 -9.21 42.51 24.06
CA LEU A 525 -9.36 41.11 24.45
C LEU A 525 -10.35 40.98 25.59
N ARG A 526 -10.32 41.94 26.52
CA ARG A 526 -11.20 41.93 27.68
C ARG A 526 -12.65 42.11 27.24
N ALA A 527 -12.90 43.09 26.38
CA ALA A 527 -14.26 43.33 25.91
C ALA A 527 -14.73 42.13 25.09
N ALA A 528 -13.83 41.56 24.31
CA ALA A 528 -14.18 40.39 23.50
C ALA A 528 -14.50 39.19 24.40
N MET A 529 -13.75 39.02 25.47
CA MET A 529 -13.99 37.91 26.40
C MET A 529 -15.35 38.05 27.08
N ASP A 530 -15.72 39.28 27.40
CA ASP A 530 -16.98 39.56 28.09
C ASP A 530 -18.18 39.41 27.18
N VAL A 531 -17.95 39.38 25.88
CA VAL A 531 -19.06 39.22 24.93
C VAL A 531 -19.70 37.85 25.16
N ASP A 532 -21.02 37.84 25.29
CA ASP A 532 -21.76 36.60 25.50
C ASP A 532 -22.08 36.02 24.14
N GLY A 533 -21.17 35.21 23.62
CA GLY A 533 -21.37 34.60 22.30
C GLY A 533 -20.05 34.60 21.55
N PRO A 534 -20.04 34.20 20.28
CA PRO A 534 -18.81 34.15 19.47
C PRO A 534 -18.21 35.51 19.10
N ALA A 535 -16.89 35.62 19.21
CA ALA A 535 -16.17 36.85 18.89
C ALA A 535 -14.82 36.56 18.24
N VAL A 536 -14.36 37.47 17.41
CA VAL A 536 -13.09 37.34 16.71
C VAL A 536 -12.27 38.63 16.85
N VAL A 537 -11.00 38.48 17.22
CA VAL A 537 -10.09 39.62 17.37
C VAL A 537 -8.85 39.44 16.49
N ALA A 538 -8.67 40.35 15.54
CA ALA A 538 -7.52 40.31 14.66
C ALA A 538 -6.38 41.06 15.33
N ILE A 539 -5.21 40.44 15.40
CA ILE A 539 -4.06 41.06 16.02
C ILE A 539 -2.84 41.14 15.11
N PRO A 540 -2.58 42.31 14.51
CA PRO A 540 -1.41 42.44 13.63
C PRO A 540 -0.16 42.08 14.42
N VAL A 541 0.69 41.22 13.88
CA VAL A 541 1.89 40.83 14.61
C VAL A 541 3.17 41.07 13.82
N ASP A 542 4.23 41.43 14.55
CA ASP A 542 5.55 41.67 13.99
C ASP A 542 6.38 40.45 14.33
N TYR A 543 6.59 39.59 13.33
CA TYR A 543 7.34 38.36 13.51
C TYR A 543 8.85 38.48 13.29
N ARG A 544 9.38 39.69 13.31
CA ARG A 544 10.81 39.87 13.09
C ARG A 544 11.73 39.20 14.12
N ASP A 545 11.26 39.04 15.36
CA ASP A 545 12.10 38.40 16.38
C ASP A 545 12.05 36.87 16.41
N ASN A 546 11.19 36.29 15.57
CA ASN A 546 11.07 34.83 15.54
C ASN A 546 12.40 34.08 15.53
N PRO A 547 13.41 34.60 14.79
CA PRO A 547 14.68 33.88 14.78
C PRO A 547 15.21 33.63 16.19
N LEU A 548 15.03 34.60 17.08
CA LEU A 548 15.48 34.46 18.45
C LEU A 548 14.82 33.27 19.12
N LEU A 549 13.52 33.12 18.92
CA LEU A 549 12.78 32.02 19.52
C LEU A 549 13.16 30.68 18.90
N MET A 550 13.32 30.68 17.57
CA MET A 550 13.68 29.47 16.85
C MET A 550 15.05 28.96 17.26
N GLY A 551 15.87 29.85 17.80
CA GLY A 551 17.20 29.44 18.23
C GLY A 551 17.13 28.53 19.44
N GLN A 552 15.95 28.45 20.04
CA GLN A 552 15.76 27.62 21.22
C GLN A 552 15.17 26.26 20.86
N LEU A 553 14.87 26.06 19.59
CA LEU A 553 14.30 24.80 19.13
C LEU A 553 15.36 23.73 19.03
N HIS A 554 14.93 22.48 19.09
CA HIS A 554 15.83 21.35 18.97
C HIS A 554 16.40 21.35 17.55
N TYR B 5 -28.24 -13.91 -28.41
CA TYR B 5 -27.92 -13.63 -26.98
C TYR B 5 -28.92 -12.67 -26.34
N PRO B 6 -30.07 -13.22 -25.91
CA PRO B 6 -31.15 -12.45 -25.26
C PRO B 6 -31.00 -12.38 -23.75
N VAL B 7 -31.67 -11.42 -23.12
CA VAL B 7 -31.63 -11.28 -21.67
C VAL B 7 -32.49 -12.38 -21.09
N ARG B 8 -31.90 -13.23 -20.26
CA ARG B 8 -32.64 -14.33 -19.66
C ARG B 8 -32.66 -14.28 -18.14
N GLN B 9 -33.47 -15.17 -17.57
CA GLN B 9 -33.60 -15.31 -16.13
C GLN B 9 -32.82 -16.60 -15.88
N TRP B 10 -31.74 -16.53 -15.12
CA TRP B 10 -30.95 -17.73 -14.86
C TRP B 10 -31.25 -18.30 -13.47
N ALA B 11 -31.32 -19.62 -13.39
CA ALA B 11 -31.59 -20.30 -12.12
C ALA B 11 -30.43 -20.06 -11.17
N HIS B 12 -29.22 -19.97 -11.72
CA HIS B 12 -28.03 -19.74 -10.91
C HIS B 12 -27.07 -18.84 -11.69
N GLY B 13 -26.45 -17.89 -10.99
CA GLY B 13 -25.51 -17.02 -11.65
C GLY B 13 -24.41 -17.88 -12.27
N ALA B 14 -24.17 -19.02 -11.64
CA ALA B 14 -23.16 -19.98 -12.11
C ALA B 14 -23.43 -20.39 -13.55
N ASP B 15 -24.70 -20.42 -13.93
CA ASP B 15 -25.06 -20.78 -15.31
C ASP B 15 -24.70 -19.68 -16.30
N LEU B 16 -24.82 -18.43 -15.86
CA LEU B 16 -24.48 -17.29 -16.73
C LEU B 16 -22.98 -17.29 -16.97
N VAL B 17 -22.22 -17.51 -15.91
CA VAL B 17 -20.77 -17.55 -15.96
C VAL B 17 -20.31 -18.54 -17.01
N VAL B 18 -20.82 -19.78 -16.90
CA VAL B 18 -20.45 -20.82 -17.84
C VAL B 18 -20.77 -20.44 -19.28
N SER B 19 -21.95 -19.88 -19.51
CA SER B 19 -22.32 -19.46 -20.86
C SER B 19 -21.38 -18.36 -21.32
N GLN B 20 -20.96 -17.50 -20.40
CA GLN B 20 -20.05 -16.43 -20.76
C GLN B 20 -18.70 -17.01 -21.17
N LEU B 21 -18.25 -18.04 -20.47
CA LEU B 21 -16.97 -18.67 -20.80
C LEU B 21 -17.04 -19.28 -22.20
N GLU B 22 -18.14 -19.97 -22.50
CA GLU B 22 -18.30 -20.58 -23.81
C GLU B 22 -18.26 -19.49 -24.88
N ALA B 23 -18.84 -18.34 -24.58
CA ALA B 23 -18.86 -17.24 -25.53
C ALA B 23 -17.45 -16.72 -25.78
N GLN B 24 -16.58 -16.88 -24.78
CA GLN B 24 -15.19 -16.43 -24.89
C GLN B 24 -14.32 -17.46 -25.60
N GLY B 25 -14.92 -18.58 -26.00
CA GLY B 25 -14.16 -19.62 -26.68
C GLY B 25 -13.32 -20.49 -25.76
N VAL B 26 -13.68 -20.52 -24.48
CA VAL B 26 -12.94 -21.32 -23.49
C VAL B 26 -13.24 -22.80 -23.72
N ARG B 27 -12.18 -23.59 -23.86
CA ARG B 27 -12.33 -25.03 -24.10
C ARG B 27 -12.17 -25.88 -22.85
N GLN B 28 -11.44 -25.38 -21.88
CA GLN B 28 -11.25 -26.11 -20.65
C GLN B 28 -11.00 -25.18 -19.49
N VAL B 29 -11.18 -25.69 -18.29
CA VAL B 29 -10.95 -24.90 -17.09
C VAL B 29 -10.07 -25.71 -16.15
N PHE B 30 -9.09 -25.04 -15.54
CA PHE B 30 -8.19 -25.70 -14.61
C PHE B 30 -8.50 -25.24 -13.19
N GLY B 31 -8.42 -26.16 -12.24
CA GLY B 31 -8.68 -25.75 -10.88
C GLY B 31 -9.04 -26.88 -9.93
N ILE B 32 -9.43 -26.49 -8.73
CA ILE B 32 -9.82 -27.42 -7.69
C ILE B 32 -11.10 -26.89 -7.07
N PRO B 33 -12.15 -27.72 -7.01
CA PRO B 33 -13.45 -27.33 -6.45
C PRO B 33 -13.48 -27.15 -4.94
N GLY B 34 -14.48 -26.41 -4.49
CA GLY B 34 -14.66 -26.16 -3.07
C GLY B 34 -16.11 -25.80 -2.86
N ALA B 35 -16.57 -25.85 -1.62
CA ALA B 35 -17.95 -25.55 -1.29
C ALA B 35 -18.50 -24.25 -1.89
N LYS B 36 -17.76 -23.16 -1.72
CA LYS B 36 -18.19 -21.86 -2.20
C LYS B 36 -18.31 -21.74 -3.71
N ILE B 37 -17.48 -22.47 -4.44
CA ILE B 37 -17.46 -22.38 -5.88
C ILE B 37 -17.96 -23.63 -6.60
N ASP B 38 -18.41 -24.63 -5.85
CA ASP B 38 -18.86 -25.87 -6.48
C ASP B 38 -19.98 -25.76 -7.50
N LYS B 39 -20.88 -24.78 -7.35
CA LYS B 39 -21.97 -24.65 -8.30
C LYS B 39 -21.47 -24.41 -9.73
N VAL B 40 -20.30 -23.76 -9.85
CA VAL B 40 -19.72 -23.48 -11.16
C VAL B 40 -19.19 -24.76 -11.78
N PHE B 41 -18.52 -25.59 -10.98
CA PHE B 41 -18.01 -26.85 -11.49
C PHE B 41 -19.19 -27.70 -11.93
N ASP B 42 -20.29 -27.60 -11.17
CA ASP B 42 -21.47 -28.35 -11.51
C ASP B 42 -22.10 -27.85 -12.80
N SER B 43 -22.07 -26.53 -13.01
CA SER B 43 -22.63 -25.94 -14.21
C SER B 43 -21.83 -26.36 -15.45
N LEU B 44 -20.51 -26.53 -15.29
CA LEU B 44 -19.66 -26.93 -16.39
C LEU B 44 -20.00 -28.31 -16.92
N LEU B 45 -20.69 -29.11 -16.11
CA LEU B 45 -21.08 -30.46 -16.52
C LEU B 45 -22.06 -30.44 -17.69
N ASP B 46 -22.84 -29.37 -17.80
CA ASP B 46 -23.81 -29.22 -18.90
C ASP B 46 -23.16 -28.40 -20.00
N SER B 47 -21.87 -28.16 -19.87
CA SER B 47 -21.15 -27.36 -20.83
C SER B 47 -20.28 -28.20 -21.76
N SER B 48 -19.83 -27.57 -22.84
CA SER B 48 -18.96 -28.21 -23.80
C SER B 48 -17.55 -27.98 -23.27
N ILE B 49 -17.46 -27.21 -22.20
CA ILE B 49 -16.18 -26.88 -21.58
C ILE B 49 -15.71 -28.05 -20.72
N ARG B 50 -14.45 -28.44 -20.89
CA ARG B 50 -13.89 -29.56 -20.15
C ARG B 50 -13.33 -29.17 -18.80
N ILE B 51 -13.69 -29.93 -17.77
CA ILE B 51 -13.22 -29.68 -16.41
C ILE B 51 -11.89 -30.40 -16.17
N ILE B 52 -10.82 -29.64 -15.92
CA ILE B 52 -9.53 -30.27 -15.69
C ILE B 52 -9.03 -30.02 -14.28
N PRO B 53 -9.34 -30.95 -13.35
CA PRO B 53 -8.93 -30.88 -11.95
C PRO B 53 -7.42 -30.96 -11.83
N VAL B 54 -6.81 -30.02 -11.12
CA VAL B 54 -5.36 -30.05 -10.93
C VAL B 54 -5.08 -30.54 -9.51
N ARG B 55 -3.82 -30.64 -9.13
CA ARG B 55 -3.52 -31.11 -7.78
C ARG B 55 -3.08 -29.98 -6.85
N HIS B 56 -2.78 -28.83 -7.43
CA HIS B 56 -2.42 -27.64 -6.67
C HIS B 56 -2.82 -26.45 -7.54
N GLU B 57 -3.64 -25.55 -6.99
CA GLU B 57 -4.14 -24.39 -7.73
C GLU B 57 -3.10 -23.55 -8.46
N ALA B 58 -1.92 -23.39 -7.86
CA ALA B 58 -0.86 -22.62 -8.48
C ALA B 58 -0.65 -23.09 -9.91
N ASN B 59 -0.69 -24.40 -10.09
CA ASN B 59 -0.49 -25.01 -11.40
C ASN B 59 -1.64 -24.73 -12.37
N ALA B 60 -2.82 -24.39 -11.84
CA ALA B 60 -3.95 -24.08 -12.69
C ALA B 60 -3.61 -22.78 -13.41
N ALA B 61 -2.99 -21.85 -12.68
CA ALA B 61 -2.57 -20.56 -13.24
C ALA B 61 -1.45 -20.74 -14.28
N PHE B 62 -0.54 -21.67 -14.03
CA PHE B 62 0.55 -21.91 -14.96
C PHE B 62 0.03 -22.54 -16.26
N MET B 63 -0.80 -23.58 -16.14
CA MET B 63 -1.36 -24.24 -17.32
C MET B 63 -2.22 -23.27 -18.13
N ALA B 64 -3.00 -22.45 -17.43
CA ALA B 64 -3.86 -21.47 -18.08
C ALA B 64 -3.04 -20.42 -18.84
N ALA B 65 -1.86 -20.10 -18.31
CA ALA B 65 -0.97 -19.12 -18.94
C ALA B 65 -0.44 -19.63 -20.28
N ALA B 66 -0.06 -20.90 -20.32
CA ALA B 66 0.46 -21.50 -21.54
C ALA B 66 -0.65 -21.43 -22.59
N VAL B 67 -1.86 -21.80 -22.18
CA VAL B 67 -3.01 -21.78 -23.07
C VAL B 67 -3.19 -20.37 -23.62
N GLY B 68 -3.11 -19.38 -22.73
CA GLY B 68 -3.28 -18.00 -23.15
C GLY B 68 -2.17 -17.51 -24.06
N ARG B 69 -0.94 -17.85 -23.71
CA ARG B 69 0.19 -17.41 -24.51
C ARG B 69 0.09 -17.95 -25.93
N ILE B 70 -0.30 -19.22 -26.06
CA ILE B 70 -0.42 -19.87 -27.36
C ILE B 70 -1.65 -19.51 -28.19
N THR B 71 -2.82 -19.46 -27.57
CA THR B 71 -4.04 -19.16 -28.33
C THR B 71 -4.36 -17.68 -28.46
N GLY B 72 -3.83 -16.87 -27.55
CA GLY B 72 -4.12 -15.46 -27.58
C GLY B 72 -5.37 -15.19 -26.77
N LYS B 73 -6.07 -16.27 -26.43
CA LYS B 73 -7.27 -16.17 -25.62
C LYS B 73 -6.95 -16.65 -24.21
N ALA B 74 -7.44 -15.90 -23.23
CA ALA B 74 -7.21 -16.17 -21.82
C ALA B 74 -7.38 -17.61 -21.33
N GLY B 75 -6.40 -18.10 -20.58
CA GLY B 75 -6.48 -19.42 -20.00
C GLY B 75 -7.38 -19.21 -18.78
N VAL B 76 -8.13 -20.23 -18.39
CA VAL B 76 -9.02 -20.08 -17.25
C VAL B 76 -8.77 -20.99 -16.05
N ALA B 77 -8.62 -20.38 -14.88
CA ALA B 77 -8.43 -21.11 -13.64
C ALA B 77 -9.68 -20.87 -12.80
N LEU B 78 -10.11 -21.91 -12.09
CA LEU B 78 -11.30 -21.84 -11.24
C LEU B 78 -10.96 -22.47 -9.89
N VAL B 79 -11.07 -21.68 -8.82
CA VAL B 79 -10.75 -22.15 -7.49
C VAL B 79 -11.79 -21.74 -6.46
N THR B 80 -11.72 -22.35 -5.29
CA THR B 80 -12.66 -22.05 -4.22
C THR B 80 -12.13 -20.90 -3.37
N SER B 81 -12.88 -20.51 -2.34
CA SER B 81 -12.47 -19.40 -1.48
C SER B 81 -11.28 -19.71 -0.57
N GLY B 82 -10.80 -18.67 0.11
CA GLY B 82 -9.69 -18.83 1.04
C GLY B 82 -8.38 -19.33 0.44
N PRO B 83 -7.86 -20.48 0.92
CA PRO B 83 -6.61 -21.03 0.41
C PRO B 83 -6.65 -21.36 -1.09
N GLY B 84 -7.85 -21.55 -1.62
CA GLY B 84 -7.98 -21.85 -3.03
C GLY B 84 -7.49 -20.66 -3.84
N CYS B 85 -7.82 -19.46 -3.38
CA CYS B 85 -7.40 -18.24 -4.07
C CYS B 85 -5.95 -17.88 -3.75
N SER B 86 -5.60 -17.84 -2.47
CA SER B 86 -4.23 -17.51 -2.08
C SER B 86 -3.19 -18.44 -2.73
N ASN B 87 -3.60 -19.65 -3.09
CA ASN B 87 -2.68 -20.60 -3.73
C ASN B 87 -2.41 -20.27 -5.19
N LEU B 88 -3.20 -19.36 -5.74
CA LEU B 88 -3.06 -18.93 -7.14
C LEU B 88 -2.15 -17.73 -7.31
N ILE B 89 -1.95 -16.98 -6.23
CA ILE B 89 -1.16 -15.76 -6.30
C ILE B 89 0.15 -15.80 -7.09
N THR B 90 1.04 -16.74 -6.76
CA THR B 90 2.31 -16.80 -7.47
C THR B 90 2.10 -17.08 -8.95
N GLY B 91 1.13 -17.94 -9.26
CA GLY B 91 0.84 -18.25 -10.65
C GLY B 91 0.35 -17.02 -11.41
N MET B 92 -0.54 -16.25 -10.78
CA MET B 92 -1.08 -15.05 -11.41
C MET B 92 0.00 -13.99 -11.65
N ALA B 93 0.90 -13.84 -10.69
CA ALA B 93 1.97 -12.86 -10.78
C ALA B 93 2.95 -13.23 -11.90
N THR B 94 3.15 -14.53 -12.10
CA THR B 94 4.06 -15.02 -13.13
C THR B 94 3.48 -14.77 -14.51
N ALA B 95 2.18 -14.99 -14.65
CA ALA B 95 1.51 -14.76 -15.92
C ALA B 95 1.51 -13.28 -16.27
N ASN B 96 1.22 -12.46 -15.27
CA ASN B 96 1.19 -11.02 -15.49
C ASN B 96 2.55 -10.50 -15.93
N SER B 97 3.62 -11.06 -15.37
CA SER B 97 4.97 -10.64 -15.74
C SER B 97 5.37 -11.05 -17.15
N GLU B 98 4.93 -12.22 -17.60
CA GLU B 98 5.26 -12.68 -18.94
C GLU B 98 4.24 -12.27 -20.00
N GLY B 99 3.20 -11.57 -19.58
CA GLY B 99 2.19 -11.11 -20.52
C GLY B 99 1.26 -12.20 -21.01
N ASP B 100 1.04 -13.22 -20.19
CA ASP B 100 0.14 -14.31 -20.58
C ASP B 100 -1.27 -13.99 -20.10
N PRO B 101 -2.25 -13.99 -21.02
CA PRO B 101 -3.63 -13.68 -20.66
C PRO B 101 -4.29 -14.80 -19.84
N VAL B 102 -4.60 -14.49 -18.59
CA VAL B 102 -5.24 -15.46 -17.72
C VAL B 102 -6.37 -14.84 -16.91
N VAL B 103 -7.44 -15.59 -16.76
CA VAL B 103 -8.57 -15.11 -15.99
C VAL B 103 -8.84 -16.15 -14.92
N ALA B 104 -8.70 -15.72 -13.67
CA ALA B 104 -8.94 -16.61 -12.55
C ALA B 104 -10.30 -16.27 -11.94
N LEU B 105 -11.12 -17.30 -11.76
CA LEU B 105 -12.42 -17.15 -11.16
C LEU B 105 -12.30 -17.77 -9.77
N GLY B 106 -12.33 -16.92 -8.75
CA GLY B 106 -12.19 -17.41 -7.39
C GLY B 106 -13.42 -17.28 -6.52
N GLY B 107 -13.77 -18.37 -5.84
CA GLY B 107 -14.93 -18.35 -4.97
C GLY B 107 -14.70 -17.45 -3.76
N ALA B 108 -15.79 -17.15 -3.06
CA ALA B 108 -15.74 -16.31 -1.87
C ALA B 108 -17.00 -16.50 -1.05
N VAL B 109 -16.96 -16.06 0.19
CA VAL B 109 -18.10 -16.17 1.08
C VAL B 109 -19.24 -15.30 0.56
N LYS B 110 -20.45 -15.61 0.97
CA LYS B 110 -21.63 -14.83 0.57
C LYS B 110 -21.32 -13.38 0.95
N ARG B 111 -21.79 -12.46 0.12
CA ARG B 111 -21.58 -11.03 0.33
C ARG B 111 -21.81 -10.54 1.76
N ALA B 112 -22.92 -10.95 2.39
CA ALA B 112 -23.24 -10.51 3.74
C ALA B 112 -22.23 -10.91 4.81
N ASP B 113 -21.50 -12.00 4.61
CA ASP B 113 -20.53 -12.43 5.62
C ASP B 113 -19.14 -11.82 5.45
N LYS B 114 -18.95 -11.05 4.39
CA LYS B 114 -17.65 -10.44 4.12
C LYS B 114 -17.05 -9.69 5.31
N ALA B 115 -17.80 -8.76 5.88
CA ALA B 115 -17.31 -7.99 7.02
C ALA B 115 -17.46 -8.77 8.32
N LYS B 116 -18.00 -9.98 8.23
CA LYS B 116 -18.20 -10.84 9.38
C LYS B 116 -16.88 -11.44 9.85
N GLN B 117 -16.83 -11.82 11.13
CA GLN B 117 -15.64 -12.40 11.72
C GLN B 117 -15.44 -13.86 11.27
N SER B 121 -12.85 -14.49 6.27
CA SER B 121 -12.77 -14.41 4.82
C SER B 121 -11.62 -13.50 4.40
N MET B 122 -10.96 -13.86 3.31
CA MET B 122 -9.83 -13.10 2.80
C MET B 122 -10.22 -11.98 1.85
N ASP B 123 -9.53 -10.85 1.95
CA ASP B 123 -9.77 -9.72 1.06
C ASP B 123 -8.90 -10.07 -0.16
N THR B 124 -9.37 -11.05 -0.93
CA THR B 124 -8.64 -11.52 -2.11
C THR B 124 -8.36 -10.46 -3.17
N VAL B 125 -9.31 -9.56 -3.39
CA VAL B 125 -9.10 -8.51 -4.39
C VAL B 125 -7.85 -7.71 -4.04
N ALA B 126 -7.70 -7.37 -2.76
CA ALA B 126 -6.55 -6.60 -2.29
C ALA B 126 -5.23 -7.36 -2.43
N MET B 127 -5.31 -8.68 -2.31
CA MET B 127 -4.12 -9.53 -2.42
C MET B 127 -3.71 -9.76 -3.88
N PHE B 128 -4.70 -9.77 -4.78
CA PHE B 128 -4.42 -10.00 -6.21
C PHE B 128 -4.12 -8.73 -6.98
N SER B 129 -4.65 -7.61 -6.51
CA SER B 129 -4.45 -6.31 -7.16
C SER B 129 -3.00 -5.98 -7.50
N PRO B 130 -2.05 -6.34 -6.62
CA PRO B 130 -0.62 -6.06 -6.88
C PRO B 130 0.03 -6.91 -7.97
N VAL B 131 -0.58 -8.04 -8.33
CA VAL B 131 0.00 -8.92 -9.34
C VAL B 131 -0.89 -9.20 -10.54
N THR B 132 -1.88 -8.33 -10.78
CA THR B 132 -2.79 -8.51 -11.90
C THR B 132 -3.09 -7.20 -12.61
N LYS B 133 -3.73 -7.29 -13.76
CA LYS B 133 -4.10 -6.10 -14.52
C LYS B 133 -5.52 -5.73 -14.11
N TYR B 134 -6.29 -6.73 -13.70
CA TYR B 134 -7.68 -6.57 -13.34
C TYR B 134 -8.02 -7.48 -12.16
N ALA B 135 -8.52 -6.89 -11.08
CA ALA B 135 -8.91 -7.62 -9.89
C ALA B 135 -10.21 -7.02 -9.39
N ILE B 136 -11.32 -7.75 -9.55
CA ILE B 136 -12.63 -7.26 -9.15
C ILE B 136 -13.45 -8.33 -8.44
N GLU B 137 -14.40 -7.89 -7.61
CA GLU B 137 -15.31 -8.80 -6.93
C GLU B 137 -16.73 -8.43 -7.36
N VAL B 138 -17.51 -9.43 -7.73
CA VAL B 138 -18.88 -9.17 -8.16
C VAL B 138 -19.79 -8.86 -6.97
N THR B 139 -20.21 -7.61 -6.89
CA THR B 139 -21.10 -7.17 -5.80
C THR B 139 -22.50 -6.92 -6.34
N ALA B 140 -22.61 -6.82 -7.67
CA ALA B 140 -23.90 -6.59 -8.33
C ALA B 140 -24.24 -7.84 -9.13
N PRO B 141 -25.11 -8.72 -8.59
CA PRO B 141 -25.51 -9.95 -9.25
C PRO B 141 -25.93 -9.81 -10.71
N ASP B 142 -26.58 -8.70 -11.04
CA ASP B 142 -27.04 -8.48 -12.40
C ASP B 142 -25.97 -8.01 -13.38
N ALA B 143 -24.74 -7.91 -12.89
CA ALA B 143 -23.62 -7.47 -13.73
C ALA B 143 -22.54 -8.54 -13.74
N LEU B 144 -22.95 -9.77 -13.48
CA LEU B 144 -22.04 -10.91 -13.44
C LEU B 144 -21.40 -11.18 -14.79
N ALA B 145 -22.19 -11.20 -15.85
CA ALA B 145 -21.64 -11.44 -17.18
C ALA B 145 -20.69 -10.31 -17.58
N GLU B 146 -21.00 -9.08 -17.15
CA GLU B 146 -20.15 -7.93 -17.48
C GLU B 146 -18.76 -8.02 -16.89
N VAL B 147 -18.69 -8.26 -15.59
CA VAL B 147 -17.41 -8.37 -14.90
C VAL B 147 -16.55 -9.47 -15.51
N VAL B 148 -17.17 -10.60 -15.83
CA VAL B 148 -16.41 -11.69 -16.42
C VAL B 148 -15.90 -11.27 -17.80
N SER B 149 -16.82 -10.86 -18.66
CA SER B 149 -16.49 -10.43 -20.00
C SER B 149 -15.35 -9.42 -20.02
N ASN B 150 -15.46 -8.41 -19.17
CA ASN B 150 -14.44 -7.36 -19.10
C ASN B 150 -13.15 -7.82 -18.45
N ALA B 151 -13.18 -9.00 -17.83
CA ALA B 151 -11.99 -9.56 -17.22
C ALA B 151 -11.20 -10.16 -18.38
N PHE B 152 -11.90 -10.74 -19.34
CA PHE B 152 -11.25 -11.34 -20.50
C PHE B 152 -10.65 -10.23 -21.35
N ARG B 153 -11.35 -9.11 -21.42
CA ARG B 153 -10.87 -7.97 -22.18
C ARG B 153 -9.58 -7.46 -21.57
N ALA B 154 -9.55 -7.41 -20.24
CA ALA B 154 -8.36 -6.94 -19.53
C ALA B 154 -7.18 -7.90 -19.71
N ALA B 155 -7.46 -9.19 -19.70
CA ALA B 155 -6.40 -10.17 -19.85
C ALA B 155 -5.86 -10.21 -21.27
N GLU B 156 -6.77 -10.22 -22.24
CA GLU B 156 -6.40 -10.35 -23.64
C GLU B 156 -5.95 -9.12 -24.43
N GLN B 157 -6.41 -7.93 -24.09
CA GLN B 157 -6.05 -6.73 -24.85
C GLN B 157 -4.83 -5.95 -24.34
N GLY B 158 -4.39 -4.98 -25.14
CA GLY B 158 -3.23 -4.17 -24.81
C GLY B 158 -2.08 -5.13 -24.53
N ARG B 159 -1.38 -4.90 -23.43
CA ARG B 159 -0.30 -5.78 -23.03
C ARG B 159 -0.99 -6.85 -22.19
N PRO B 160 -1.15 -8.06 -22.73
CA PRO B 160 -1.81 -9.15 -22.00
C PRO B 160 -1.27 -9.33 -20.58
N GLY B 161 -2.12 -9.87 -19.71
CA GLY B 161 -1.72 -10.11 -18.32
C GLY B 161 -2.80 -10.93 -17.63
N SER B 162 -2.70 -11.07 -16.31
CA SER B 162 -3.69 -11.87 -15.58
C SER B 162 -4.83 -11.04 -15.00
N ALA B 163 -5.99 -11.67 -14.85
CA ALA B 163 -7.17 -11.01 -14.32
C ALA B 163 -7.86 -11.89 -13.28
N PHE B 164 -8.22 -11.29 -12.15
CA PHE B 164 -8.88 -12.03 -11.08
C PHE B 164 -10.30 -11.54 -10.82
N VAL B 165 -11.21 -12.49 -10.65
CA VAL B 165 -12.61 -12.20 -10.38
C VAL B 165 -13.09 -13.03 -9.19
N SER B 166 -13.48 -12.33 -8.12
CA SER B 166 -13.99 -12.98 -6.93
C SER B 166 -15.50 -13.18 -7.07
N LEU B 167 -15.96 -14.43 -6.95
CA LEU B 167 -17.37 -14.75 -7.08
C LEU B 167 -17.99 -15.16 -5.75
N PRO B 168 -18.73 -14.25 -5.09
CA PRO B 168 -19.35 -14.59 -3.81
C PRO B 168 -20.31 -15.77 -4.00
N GLN B 169 -20.28 -16.71 -3.07
CA GLN B 169 -21.11 -17.89 -3.15
C GLN B 169 -22.60 -17.64 -3.44
N ASP B 170 -23.19 -16.63 -2.81
CA ASP B 170 -24.60 -16.34 -3.02
C ASP B 170 -24.91 -15.86 -4.43
N VAL B 171 -23.93 -15.23 -5.06
CA VAL B 171 -24.11 -14.73 -6.42
C VAL B 171 -24.10 -15.88 -7.42
N VAL B 172 -23.20 -16.85 -7.24
CA VAL B 172 -23.15 -17.96 -8.17
C VAL B 172 -24.24 -19.01 -7.93
N ASP B 173 -24.71 -19.13 -6.70
CA ASP B 173 -25.77 -20.10 -6.39
C ASP B 173 -27.16 -19.51 -6.60
N GLY B 174 -27.28 -18.21 -6.39
CA GLY B 174 -28.57 -17.57 -6.54
C GLY B 174 -28.93 -17.24 -7.98
N PRO B 175 -30.21 -17.01 -8.26
CA PRO B 175 -30.62 -16.68 -9.63
C PRO B 175 -30.23 -15.25 -10.01
N VAL B 176 -30.08 -15.02 -11.31
CA VAL B 176 -29.74 -13.70 -11.81
C VAL B 176 -30.37 -13.50 -13.18
N SER B 177 -30.46 -12.25 -13.61
CA SER B 177 -31.00 -11.95 -14.92
C SER B 177 -29.82 -11.39 -15.70
N GLY B 178 -29.82 -11.58 -17.01
CA GLY B 178 -28.72 -11.07 -17.80
C GLY B 178 -28.54 -11.85 -19.07
N LYS B 179 -27.69 -11.33 -19.95
CA LYS B 179 -27.42 -11.98 -21.22
C LYS B 179 -25.92 -12.20 -21.33
N VAL B 180 -25.53 -13.20 -22.10
CA VAL B 180 -24.12 -13.46 -22.29
C VAL B 180 -23.67 -12.37 -23.25
N LEU B 181 -22.45 -11.87 -23.05
CA LEU B 181 -21.92 -10.81 -23.89
C LEU B 181 -20.95 -11.38 -24.91
N PRO B 182 -21.13 -11.02 -26.19
CA PRO B 182 -20.26 -11.50 -27.27
C PRO B 182 -18.79 -11.15 -27.06
N ALA B 183 -17.90 -12.06 -27.46
CA ALA B 183 -16.46 -11.84 -27.31
C ALA B 183 -16.00 -10.66 -28.16
N PRO B 187 -11.42 -3.44 -30.12
CA PRO B 187 -10.32 -4.21 -30.70
C PRO B 187 -9.92 -3.68 -32.07
N GLN B 188 -10.91 -3.20 -32.82
CA GLN B 188 -10.67 -2.66 -34.15
C GLN B 188 -9.86 -1.38 -34.08
N MET B 189 -8.54 -1.52 -34.03
CA MET B 189 -7.63 -0.38 -33.98
C MET B 189 -6.78 -0.38 -35.24
N GLY B 190 -6.48 0.81 -35.75
CA GLY B 190 -5.70 0.89 -36.97
C GLY B 190 -4.22 1.14 -36.77
N ALA B 191 -3.46 1.01 -37.86
CA ALA B 191 -2.02 1.25 -37.83
C ALA B 191 -1.74 2.66 -37.31
N ALA B 192 -0.46 2.95 -37.10
CA ALA B 192 -0.07 4.28 -36.62
C ALA B 192 -0.35 5.31 -37.72
N PRO B 193 -0.38 6.61 -37.37
CA PRO B 193 -0.64 7.63 -38.39
C PRO B 193 0.33 7.58 -39.55
N ASP B 194 -0.21 7.32 -40.74
CA ASP B 194 0.59 7.22 -41.96
C ASP B 194 1.67 8.28 -42.03
N ASP B 195 1.34 9.50 -41.64
CA ASP B 195 2.30 10.59 -41.65
C ASP B 195 3.55 10.21 -40.85
N ALA B 196 3.35 9.64 -39.68
CA ALA B 196 4.45 9.25 -38.81
C ALA B 196 5.22 8.05 -39.37
N ILE B 197 4.51 7.15 -40.04
CA ILE B 197 5.14 5.98 -40.63
C ILE B 197 6.16 6.42 -41.68
N ASP B 198 5.85 7.51 -42.38
CA ASP B 198 6.76 8.03 -43.38
C ASP B 198 7.96 8.64 -42.68
N GLN B 199 7.70 9.40 -41.62
CA GLN B 199 8.76 10.04 -40.84
C GLN B 199 9.78 8.99 -40.41
N VAL B 200 9.31 7.79 -40.10
CA VAL B 200 10.18 6.69 -39.67
C VAL B 200 10.87 6.07 -40.88
N ALA B 201 10.12 5.90 -41.97
CA ALA B 201 10.67 5.33 -43.19
C ALA B 201 11.81 6.22 -43.67
N LYS B 202 11.67 7.52 -43.46
CA LYS B 202 12.70 8.46 -43.87
C LYS B 202 13.95 8.25 -43.02
N LEU B 203 13.75 8.07 -41.71
CA LEU B 203 14.87 7.86 -40.79
C LEU B 203 15.64 6.58 -41.14
N ILE B 204 14.92 5.59 -41.66
CA ILE B 204 15.52 4.31 -42.02
C ILE B 204 16.41 4.46 -43.24
N ALA B 205 16.04 5.37 -44.13
CA ALA B 205 16.80 5.61 -45.35
C ALA B 205 18.07 6.38 -45.04
N GLN B 206 18.06 7.09 -43.91
CA GLN B 206 19.22 7.89 -43.51
C GLN B 206 20.12 7.17 -42.52
N ALA B 207 19.67 6.02 -42.02
CA ALA B 207 20.43 5.24 -41.05
C ALA B 207 21.61 4.45 -41.62
N LYS B 208 22.74 4.50 -40.92
CA LYS B 208 23.93 3.78 -41.33
C LYS B 208 23.99 2.46 -40.58
N ASN B 209 23.51 2.48 -39.35
CA ASN B 209 23.48 1.30 -38.50
C ASN B 209 22.13 1.13 -37.83
N PRO B 210 21.12 0.73 -38.62
CA PRO B 210 19.77 0.54 -38.09
C PRO B 210 19.66 -0.85 -37.47
N ILE B 211 18.88 -0.97 -36.41
CA ILE B 211 18.69 -2.24 -35.73
C ILE B 211 17.30 -2.32 -35.14
N PHE B 212 16.72 -3.52 -35.18
CA PHE B 212 15.40 -3.78 -34.63
C PHE B 212 15.52 -4.46 -33.29
N LEU B 213 14.81 -3.95 -32.28
CA LEU B 213 14.81 -4.56 -30.96
C LEU B 213 13.37 -5.04 -30.77
N LEU B 214 13.19 -6.36 -30.77
CA LEU B 214 11.87 -6.95 -30.63
C LEU B 214 11.49 -7.25 -29.19
N GLY B 215 10.26 -6.89 -28.84
CA GLY B 215 9.75 -7.15 -27.51
C GLY B 215 8.58 -8.12 -27.56
N LEU B 216 7.93 -8.32 -26.41
CA LEU B 216 6.79 -9.22 -26.28
C LEU B 216 5.74 -9.20 -27.40
N MET B 217 5.19 -8.03 -27.68
CA MET B 217 4.14 -7.93 -28.70
C MET B 217 4.61 -8.32 -30.10
N ALA B 218 5.91 -8.25 -30.33
CA ALA B 218 6.46 -8.61 -31.63
C ALA B 218 6.43 -10.10 -31.85
N SER B 219 6.29 -10.87 -30.78
CA SER B 219 6.25 -12.33 -30.88
C SER B 219 4.83 -12.87 -30.99
N GLN B 220 3.85 -11.98 -31.06
CA GLN B 220 2.46 -12.39 -31.19
C GLN B 220 2.22 -12.87 -32.61
N PRO B 221 1.46 -13.97 -32.78
CA PRO B 221 1.16 -14.54 -34.10
C PRO B 221 0.51 -13.57 -35.08
N GLU B 222 -0.37 -12.71 -34.57
CA GLU B 222 -1.06 -11.74 -35.42
C GLU B 222 -0.08 -10.78 -36.10
N ASN B 223 1.18 -10.80 -35.65
CA ASN B 223 2.18 -9.90 -36.21
C ASN B 223 3.25 -10.63 -36.99
N SER B 224 3.16 -11.97 -37.02
CA SER B 224 4.12 -12.80 -37.72
C SER B 224 4.37 -12.36 -39.16
N LYS B 225 3.39 -12.57 -40.03
CA LYS B 225 3.53 -12.21 -41.44
C LYS B 225 4.10 -10.82 -41.67
N ALA B 226 3.49 -9.82 -41.03
CA ALA B 226 3.96 -8.45 -41.19
C ALA B 226 5.39 -8.28 -40.72
N LEU B 227 5.78 -9.00 -39.68
CA LEU B 227 7.14 -8.89 -39.18
C LEU B 227 8.13 -9.43 -40.21
N ARG B 228 7.88 -10.65 -40.67
CA ARG B 228 8.74 -11.28 -41.68
C ARG B 228 8.79 -10.40 -42.93
N ARG B 229 7.62 -9.94 -43.38
CA ARG B 229 7.56 -9.10 -44.56
C ARG B 229 8.44 -7.86 -44.40
N LEU B 230 8.45 -7.30 -43.19
CA LEU B 230 9.24 -6.11 -42.92
C LEU B 230 10.73 -6.41 -42.90
N LEU B 231 11.09 -7.58 -42.39
CA LEU B 231 12.49 -7.98 -42.31
C LEU B 231 13.03 -8.43 -43.66
N GLU B 232 12.21 -9.13 -44.44
CA GLU B 232 12.64 -9.60 -45.75
C GLU B 232 12.84 -8.43 -46.71
N THR B 233 12.08 -7.36 -46.52
CA THR B 233 12.18 -6.19 -47.38
C THR B 233 13.32 -5.24 -47.00
N SER B 234 13.64 -5.16 -45.71
CA SER B 234 14.70 -4.27 -45.26
C SER B 234 16.03 -4.96 -44.95
N HIS B 235 15.95 -6.21 -44.51
CA HIS B 235 17.15 -6.97 -44.16
C HIS B 235 17.95 -6.26 -43.08
N ILE B 236 17.27 -5.45 -42.29
CA ILE B 236 17.90 -4.73 -41.19
C ILE B 236 18.11 -5.75 -40.06
N PRO B 237 19.29 -5.74 -39.43
CA PRO B 237 19.57 -6.69 -38.33
C PRO B 237 18.54 -6.68 -37.20
N VAL B 238 18.43 -7.80 -36.50
CA VAL B 238 17.46 -7.98 -35.42
C VAL B 238 18.00 -8.64 -34.16
N THR B 239 17.52 -8.17 -33.01
CA THR B 239 17.88 -8.72 -31.71
C THR B 239 16.58 -8.79 -30.91
N SER B 240 16.48 -9.75 -29.99
CA SER B 240 15.25 -9.89 -29.21
C SER B 240 15.40 -10.07 -27.72
N THR B 241 14.41 -9.61 -26.96
CA THR B 241 14.41 -9.79 -25.52
C THR B 241 13.93 -11.23 -25.37
N TYR B 242 14.04 -11.80 -24.17
CA TYR B 242 13.58 -13.18 -24.00
C TYR B 242 12.08 -13.36 -24.09
N GLN B 243 11.32 -12.27 -23.99
CA GLN B 243 9.88 -12.38 -24.12
C GLN B 243 9.51 -12.52 -25.59
N ALA B 244 10.48 -12.25 -26.46
CA ALA B 244 10.29 -12.37 -27.89
C ALA B 244 11.35 -13.33 -28.43
N ALA B 245 11.83 -14.19 -27.54
CA ALA B 245 12.86 -15.16 -27.88
C ALA B 245 12.52 -15.98 -29.13
N GLY B 246 11.25 -16.33 -29.28
CA GLY B 246 10.84 -17.13 -30.43
C GLY B 246 10.48 -16.39 -31.70
N ALA B 247 10.30 -15.07 -31.62
CA ALA B 247 9.93 -14.26 -32.78
C ALA B 247 10.79 -14.49 -34.02
N VAL B 248 12.10 -14.56 -33.83
CA VAL B 248 13.02 -14.75 -34.95
C VAL B 248 14.17 -15.64 -34.49
N ASN B 249 14.71 -16.45 -35.39
CA ASN B 249 15.84 -17.31 -35.04
C ASN B 249 16.93 -17.20 -36.09
N GLN B 250 18.11 -17.72 -35.75
CA GLN B 250 19.26 -17.68 -36.62
C GLN B 250 19.04 -18.18 -38.05
N ASP B 251 18.31 -19.29 -38.18
CA ASP B 251 18.05 -19.89 -39.49
C ASP B 251 17.26 -19.07 -40.49
N ASN B 252 16.17 -18.44 -40.03
CA ASN B 252 15.32 -17.66 -40.93
C ASN B 252 15.81 -16.23 -41.19
N PHE B 253 16.79 -15.79 -40.42
CA PHE B 253 17.32 -14.45 -40.60
C PHE B 253 18.81 -14.43 -40.31
N SER B 254 19.62 -14.47 -41.36
CA SER B 254 21.07 -14.48 -41.24
C SER B 254 21.59 -13.27 -40.48
N ARG B 255 20.80 -12.21 -40.42
CA ARG B 255 21.21 -11.02 -39.70
C ARG B 255 20.63 -10.95 -38.30
N PHE B 256 20.25 -12.10 -37.76
CA PHE B 256 19.72 -12.18 -36.41
C PHE B 256 20.92 -11.97 -35.48
N ALA B 257 20.75 -11.18 -34.43
CA ALA B 257 21.86 -10.90 -33.52
C ALA B 257 21.72 -11.52 -32.14
N GLY B 258 20.77 -12.45 -31.98
CA GLY B 258 20.58 -13.10 -30.71
C GLY B 258 19.64 -12.45 -29.70
N ARG B 259 19.51 -13.10 -28.55
CA ARG B 259 18.66 -12.63 -27.47
C ARG B 259 19.49 -11.76 -26.54
N VAL B 260 18.92 -10.63 -26.10
CA VAL B 260 19.63 -9.74 -25.19
C VAL B 260 18.99 -9.67 -23.82
N GLY B 261 19.82 -9.49 -22.80
CA GLY B 261 19.32 -9.39 -21.45
C GLY B 261 20.05 -10.30 -20.48
N LEU B 262 20.68 -11.35 -21.00
CA LEU B 262 21.38 -12.28 -20.14
C LEU B 262 22.90 -12.30 -20.30
N PHE B 263 23.38 -12.49 -21.53
CA PHE B 263 24.81 -12.55 -21.76
C PHE B 263 25.46 -11.25 -22.16
N ASN B 264 26.68 -11.03 -21.65
CA ASN B 264 27.46 -9.81 -21.89
C ASN B 264 28.24 -9.76 -23.20
N ASN B 265 28.15 -10.79 -24.02
CA ASN B 265 28.89 -10.81 -25.28
C ASN B 265 27.98 -11.03 -26.49
N GLN B 266 26.80 -10.40 -26.48
CA GLN B 266 25.87 -10.57 -27.60
C GLN B 266 26.06 -9.55 -28.72
N ALA B 267 25.91 -10.04 -29.95
CA ALA B 267 26.04 -9.19 -31.12
C ALA B 267 24.92 -8.14 -31.09
N GLY B 268 23.79 -8.50 -30.50
CA GLY B 268 22.67 -7.59 -30.42
C GLY B 268 23.02 -6.32 -29.67
N ASP B 269 23.66 -6.46 -28.52
CA ASP B 269 24.07 -5.31 -27.70
C ASP B 269 25.11 -4.45 -28.43
N ARG B 270 26.03 -5.11 -29.12
CA ARG B 270 27.06 -4.39 -29.85
C ARG B 270 26.42 -3.58 -30.98
N LEU B 271 25.41 -4.15 -31.61
CA LEU B 271 24.72 -3.46 -32.69
C LEU B 271 23.89 -2.31 -32.13
N LEU B 272 23.32 -2.52 -30.95
CA LEU B 272 22.52 -1.49 -30.29
C LEU B 272 23.40 -0.31 -29.93
N GLN B 273 24.58 -0.59 -29.40
CA GLN B 273 25.52 0.46 -29.02
C GLN B 273 26.03 1.20 -30.26
N LEU B 274 26.22 0.46 -31.34
CA LEU B 274 26.71 1.01 -32.60
C LEU B 274 25.63 1.78 -33.36
N ALA B 275 24.37 1.48 -33.05
CA ALA B 275 23.23 2.08 -33.73
C ALA B 275 23.12 3.59 -33.72
N ASP B 276 22.56 4.11 -34.81
CA ASP B 276 22.32 5.53 -35.00
C ASP B 276 20.79 5.66 -35.05
N LEU B 277 20.15 4.51 -35.26
CA LEU B 277 18.69 4.41 -35.33
C LEU B 277 18.25 3.07 -34.76
N VAL B 278 17.50 3.12 -33.66
CA VAL B 278 16.99 1.90 -33.04
C VAL B 278 15.47 1.89 -33.09
N ILE B 279 14.92 0.81 -33.65
CA ILE B 279 13.47 0.69 -33.74
C ILE B 279 12.99 -0.47 -32.89
N CYS B 280 12.29 -0.15 -31.81
CA CYS B 280 11.75 -1.16 -30.89
C CYS B 280 10.33 -1.50 -31.28
N ILE B 281 10.01 -2.79 -31.32
CA ILE B 281 8.67 -3.23 -31.68
C ILE B 281 8.07 -4.10 -30.58
N GLY B 282 6.93 -3.65 -30.05
CA GLY B 282 6.27 -4.40 -28.99
C GLY B 282 7.16 -4.55 -27.77
N TYR B 283 8.04 -3.58 -27.58
CA TYR B 283 9.01 -3.60 -26.49
C TYR B 283 8.66 -2.66 -25.34
N SER B 284 8.91 -3.12 -24.12
CA SER B 284 8.70 -2.33 -22.93
C SER B 284 9.95 -2.49 -22.06
N PRO B 285 10.49 -1.38 -21.53
CA PRO B 285 11.69 -1.40 -20.70
C PRO B 285 11.83 -2.59 -19.77
N VAL B 286 10.73 -2.95 -19.11
CA VAL B 286 10.75 -4.09 -18.19
C VAL B 286 11.35 -5.36 -18.80
N GLU B 287 11.35 -5.45 -20.12
CA GLU B 287 11.88 -6.62 -20.80
C GLU B 287 13.40 -6.68 -20.83
N TYR B 288 14.05 -5.52 -20.74
CA TYR B 288 15.50 -5.43 -20.78
C TYR B 288 15.91 -4.00 -20.46
N GLU B 289 16.50 -3.82 -19.28
CA GLU B 289 16.95 -2.50 -18.78
C GLU B 289 17.55 -1.65 -19.88
N PRO B 290 16.85 -0.57 -20.25
CA PRO B 290 17.33 0.35 -21.30
C PRO B 290 18.75 0.85 -21.02
N ALA B 291 19.05 1.04 -19.75
CA ALA B 291 20.38 1.50 -19.35
C ALA B 291 21.44 0.58 -19.92
N MET B 292 21.10 -0.71 -19.97
CA MET B 292 22.01 -1.74 -20.47
C MET B 292 22.37 -1.64 -21.94
N TRP B 293 21.52 -1.00 -22.75
CA TRP B 293 21.80 -0.89 -24.17
C TRP B 293 21.64 0.47 -24.81
N ASN B 294 20.87 1.35 -24.20
CA ASN B 294 20.66 2.67 -24.77
C ASN B 294 21.76 3.64 -24.35
N SER B 295 22.79 3.78 -25.19
CA SER B 295 23.89 4.68 -24.90
C SER B 295 23.34 6.10 -24.77
N GLY B 296 22.29 6.38 -25.52
CA GLY B 296 21.66 7.69 -25.46
C GLY B 296 21.89 8.60 -26.66
N ASN B 297 22.70 8.17 -27.61
CA ASN B 297 22.97 8.99 -28.79
C ASN B 297 22.46 8.39 -30.09
N ALA B 298 21.34 7.67 -30.02
CA ALA B 298 20.74 7.07 -31.20
C ALA B 298 19.29 7.47 -31.33
N THR B 299 18.83 7.59 -32.57
CA THR B 299 17.43 7.94 -32.82
C THR B 299 16.60 6.73 -32.41
N LEU B 300 15.78 6.92 -31.38
CA LEU B 300 14.96 5.84 -30.85
C LEU B 300 13.49 5.91 -31.28
N VAL B 301 13.05 4.90 -32.04
CA VAL B 301 11.66 4.80 -32.49
C VAL B 301 10.94 3.72 -31.68
N HIS B 302 9.73 4.03 -31.23
CA HIS B 302 8.94 3.09 -30.44
C HIS B 302 7.66 2.72 -31.17
N ILE B 303 7.48 1.41 -31.40
CA ILE B 303 6.29 0.91 -32.07
C ILE B 303 5.61 -0.10 -31.16
N ASP B 304 4.36 0.16 -30.77
CA ASP B 304 3.64 -0.75 -29.89
C ASP B 304 2.12 -0.50 -29.89
N VAL B 305 1.40 -1.31 -29.13
CA VAL B 305 -0.05 -1.15 -29.04
C VAL B 305 -0.37 -0.11 -27.98
N LEU B 306 0.64 0.26 -27.20
CA LEU B 306 0.48 1.25 -26.15
C LEU B 306 1.60 2.28 -26.18
N PRO B 307 1.30 3.52 -25.77
CA PRO B 307 2.34 4.56 -25.77
C PRO B 307 3.53 4.05 -24.96
N ALA B 308 4.69 4.63 -25.18
CA ALA B 308 5.88 4.20 -24.46
C ALA B 308 5.77 4.47 -22.96
N TYR B 309 6.34 3.57 -22.18
CA TYR B 309 6.35 3.70 -20.74
C TYR B 309 7.71 4.31 -20.40
N GLU B 310 7.87 5.57 -20.77
CA GLU B 310 9.10 6.32 -20.56
C GLU B 310 9.92 5.95 -19.34
N GLU B 311 11.24 5.98 -19.54
CA GLU B 311 12.20 5.68 -18.48
C GLU B 311 13.36 6.65 -18.66
N ARG B 312 14.33 6.60 -17.77
CA ARG B 312 15.49 7.48 -17.84
C ARG B 312 16.19 7.35 -19.19
N ASN B 313 16.50 6.11 -19.57
CA ASN B 313 17.19 5.84 -20.82
C ASN B 313 16.32 5.31 -21.95
N TYR B 314 14.99 5.44 -21.81
CA TYR B 314 14.08 5.02 -22.85
C TYR B 314 13.02 6.08 -23.09
N THR B 315 13.43 7.16 -23.74
CA THR B 315 12.53 8.26 -24.04
C THR B 315 12.55 8.42 -25.56
N PRO B 316 11.83 7.54 -26.27
CA PRO B 316 11.73 7.54 -27.73
C PRO B 316 11.49 8.89 -28.39
N ASP B 317 12.17 9.10 -29.51
CA ASP B 317 12.03 10.34 -30.26
C ASP B 317 10.73 10.29 -31.06
N VAL B 318 10.35 9.09 -31.47
CA VAL B 318 9.13 8.89 -32.25
C VAL B 318 8.36 7.69 -31.71
N GLU B 319 7.05 7.84 -31.55
CA GLU B 319 6.20 6.76 -31.06
C GLU B 319 5.06 6.43 -32.01
N LEU B 320 5.06 5.19 -32.50
CA LEU B 320 4.01 4.73 -33.40
C LEU B 320 3.09 3.78 -32.65
N VAL B 321 2.03 4.34 -32.08
CA VAL B 321 1.06 3.56 -31.32
C VAL B 321 -0.11 3.15 -32.20
N GLY B 322 -0.54 1.90 -32.05
CA GLY B 322 -1.66 1.40 -32.85
C GLY B 322 -1.48 -0.06 -33.15
N ASP B 323 -2.19 -0.53 -34.18
CA ASP B 323 -2.10 -1.93 -34.57
C ASP B 323 -0.71 -2.22 -35.17
N ILE B 324 0.05 -3.05 -34.46
CA ILE B 324 1.39 -3.40 -34.89
C ILE B 324 1.51 -3.95 -36.30
N ALA B 325 0.74 -4.98 -36.62
CA ALA B 325 0.79 -5.59 -37.94
C ALA B 325 0.54 -4.56 -39.04
N GLY B 326 -0.45 -3.68 -38.81
CA GLY B 326 -0.77 -2.67 -39.79
C GLY B 326 0.37 -1.69 -39.97
N THR B 327 0.95 -1.24 -38.87
CA THR B 327 2.07 -0.31 -38.93
C THR B 327 3.26 -0.91 -39.68
N LEU B 328 3.66 -2.11 -39.28
CA LEU B 328 4.79 -2.79 -39.92
C LEU B 328 4.57 -3.00 -41.42
N ASN B 329 3.35 -3.37 -41.80
CA ASN B 329 3.01 -3.60 -43.19
C ASN B 329 3.18 -2.30 -43.99
N LYS B 330 2.75 -1.19 -43.39
CA LYS B 330 2.86 0.10 -44.05
C LYS B 330 4.30 0.57 -44.08
N LEU B 331 5.07 0.19 -43.07
CA LEU B 331 6.47 0.57 -43.00
C LEU B 331 7.25 -0.16 -44.10
N ALA B 332 6.95 -1.44 -44.27
CA ALA B 332 7.63 -2.26 -45.27
C ALA B 332 7.45 -1.65 -46.67
N GLN B 333 6.22 -1.24 -46.98
CA GLN B 333 5.91 -0.65 -48.28
C GLN B 333 6.64 0.66 -48.52
N ASN B 334 7.30 1.19 -47.50
CA ASN B 334 8.04 2.44 -47.63
C ASN B 334 9.54 2.24 -47.54
N ILE B 335 10.00 1.02 -47.78
CA ILE B 335 11.42 0.72 -47.74
C ILE B 335 11.86 0.31 -49.15
N ASP B 336 12.56 1.22 -49.81
CA ASP B 336 13.03 1.02 -51.17
C ASP B 336 14.17 0.01 -51.34
N HIS B 337 15.32 0.32 -50.76
CA HIS B 337 16.50 -0.53 -50.85
C HIS B 337 16.79 -1.31 -49.58
N ARG B 338 17.31 -2.53 -49.73
CA ARG B 338 17.66 -3.35 -48.57
C ARG B 338 18.91 -2.74 -47.97
N LEU B 339 19.17 -3.05 -46.70
CA LEU B 339 20.34 -2.50 -46.02
C LEU B 339 21.66 -3.15 -46.36
N VAL B 340 22.69 -2.31 -46.50
CA VAL B 340 24.05 -2.75 -46.78
C VAL B 340 24.78 -2.53 -45.47
N LEU B 341 25.10 -3.62 -44.78
CA LEU B 341 25.79 -3.54 -43.50
C LEU B 341 27.05 -2.70 -43.52
N SER B 342 27.22 -1.90 -42.47
CA SER B 342 28.40 -1.06 -42.35
C SER B 342 29.55 -2.00 -41.97
N PRO B 343 30.79 -1.49 -42.03
CA PRO B 343 31.94 -2.33 -41.68
C PRO B 343 31.84 -2.93 -40.30
N GLN B 344 31.54 -2.09 -39.31
CA GLN B 344 31.42 -2.54 -37.93
C GLN B 344 30.26 -3.51 -37.75
N ALA B 345 29.13 -3.22 -38.39
CA ALA B 345 27.96 -4.08 -38.30
C ALA B 345 28.31 -5.47 -38.81
N ALA B 346 28.89 -5.51 -40.01
CA ALA B 346 29.27 -6.78 -40.64
C ALA B 346 30.25 -7.56 -39.77
N GLU B 347 31.21 -6.85 -39.18
CA GLU B 347 32.21 -7.51 -38.33
C GLU B 347 31.51 -8.15 -37.14
N ILE B 348 30.64 -7.39 -36.50
CA ILE B 348 29.90 -7.85 -35.33
C ILE B 348 29.11 -9.12 -35.63
N LEU B 349 28.44 -9.16 -36.78
CA LEU B 349 27.68 -10.34 -37.15
C LEU B 349 28.62 -11.50 -37.46
N ARG B 350 29.77 -11.18 -38.06
CA ARG B 350 30.76 -12.19 -38.39
C ARG B 350 31.31 -12.79 -37.10
N ASP B 351 31.44 -11.97 -36.07
CA ASP B 351 31.94 -12.44 -34.78
C ASP B 351 30.95 -13.40 -34.14
N ARG B 352 29.65 -13.08 -34.24
CA ARG B 352 28.63 -13.96 -33.68
C ARG B 352 28.73 -15.33 -34.34
N GLN B 353 29.08 -15.34 -35.62
CA GLN B 353 29.22 -16.58 -36.36
C GLN B 353 30.42 -17.35 -35.80
N HIS B 354 31.53 -16.64 -35.63
CA HIS B 354 32.73 -17.26 -35.08
C HIS B 354 32.44 -17.68 -33.64
N GLN B 355 31.63 -16.88 -32.95
CA GLN B 355 31.25 -17.17 -31.57
C GLN B 355 30.50 -18.49 -31.50
N ARG B 356 29.54 -18.69 -32.40
CA ARG B 356 28.77 -19.93 -32.43
C ARG B 356 29.69 -21.11 -32.68
N GLU B 357 30.58 -20.98 -33.67
CA GLU B 357 31.53 -22.05 -33.98
C GLU B 357 32.29 -22.45 -32.73
N LEU B 358 32.69 -21.44 -31.94
CA LEU B 358 33.43 -21.70 -30.71
C LEU B 358 32.56 -22.37 -29.65
N LEU B 359 31.44 -21.74 -29.33
CA LEU B 359 30.51 -22.27 -28.33
C LEU B 359 30.14 -23.72 -28.63
N ASP B 360 30.08 -24.07 -29.91
CA ASP B 360 29.74 -25.43 -30.30
C ASP B 360 30.92 -26.38 -30.07
N ARG B 361 32.08 -26.01 -30.59
CA ARG B 361 33.28 -26.83 -30.43
C ARG B 361 33.60 -27.06 -28.96
N ALA B 364 33.09 -31.07 -27.60
CA ALA B 364 34.11 -32.10 -27.49
C ALA B 364 33.49 -33.39 -26.95
N GLN B 365 34.34 -34.38 -26.67
CA GLN B 365 33.85 -35.64 -26.14
C GLN B 365 33.72 -35.55 -24.62
N LEU B 366 32.55 -35.08 -24.18
CA LEU B 366 32.28 -34.95 -22.76
C LEU B 366 31.53 -36.19 -22.32
N ASN B 367 32.29 -37.22 -21.95
CA ASN B 367 31.70 -38.48 -21.54
C ASN B 367 31.82 -38.73 -20.05
N GLN B 368 32.03 -37.66 -19.30
CA GLN B 368 32.14 -37.75 -17.85
C GLN B 368 30.77 -38.02 -17.25
N PHE B 369 30.75 -38.52 -16.02
CA PHE B 369 29.52 -38.78 -15.30
C PHE B 369 29.77 -38.48 -13.82
N ALA B 370 28.90 -37.68 -13.18
CA ALA B 370 27.71 -37.07 -13.76
C ALA B 370 27.94 -36.29 -15.04
N LEU B 371 26.87 -36.18 -15.82
CA LEU B 371 26.90 -35.52 -17.11
C LEU B 371 27.25 -34.05 -17.09
N HIS B 372 28.04 -33.65 -18.09
CA HIS B 372 28.46 -32.27 -18.25
C HIS B 372 27.29 -31.53 -18.90
N PRO B 373 26.98 -30.33 -18.43
CA PRO B 373 25.88 -29.53 -18.99
C PRO B 373 25.83 -29.48 -20.52
N LEU B 374 26.98 -29.24 -21.15
CA LEU B 374 27.04 -29.17 -22.60
C LEU B 374 26.51 -30.44 -23.24
N ARG B 375 26.88 -31.58 -22.66
CA ARG B 375 26.45 -32.88 -23.15
C ARG B 375 24.93 -32.98 -23.10
N ILE B 376 24.34 -32.51 -22.00
CA ILE B 376 22.90 -32.55 -21.82
C ILE B 376 22.19 -31.65 -22.83
N VAL B 377 22.73 -30.45 -23.02
CA VAL B 377 22.15 -29.50 -23.97
C VAL B 377 22.15 -30.11 -25.37
N ARG B 378 23.31 -30.67 -25.74
CA ARG B 378 23.50 -31.32 -27.03
C ARG B 378 22.44 -32.40 -27.25
N ALA B 379 22.28 -33.27 -26.27
CA ALA B 379 21.29 -34.34 -26.36
C ALA B 379 19.89 -33.76 -26.44
N MET B 380 19.64 -32.70 -25.67
CA MET B 380 18.32 -32.07 -25.66
C MET B 380 17.95 -31.55 -27.03
N GLN B 381 18.91 -30.92 -27.71
CA GLN B 381 18.66 -30.38 -29.04
C GLN B 381 18.32 -31.47 -30.03
N ASP B 382 18.86 -32.67 -29.82
CA ASP B 382 18.58 -33.78 -30.73
C ASP B 382 17.14 -34.25 -30.65
N ILE B 383 16.57 -34.29 -29.45
CA ILE B 383 15.20 -34.75 -29.32
C ILE B 383 14.16 -33.67 -29.57
N VAL B 384 14.53 -32.42 -29.37
CA VAL B 384 13.59 -31.32 -29.57
C VAL B 384 13.55 -30.88 -31.03
N ASN B 385 12.50 -31.31 -31.74
CA ASN B 385 12.33 -30.98 -33.15
C ASN B 385 11.32 -29.86 -33.37
N SER B 386 11.18 -29.43 -34.62
CA SER B 386 10.28 -28.34 -34.99
C SER B 386 8.80 -28.57 -34.75
N ASP B 387 8.42 -29.76 -34.29
CA ASP B 387 7.01 -30.03 -34.02
C ASP B 387 6.76 -30.03 -32.51
N VAL B 388 7.85 -29.93 -31.75
CA VAL B 388 7.80 -29.96 -30.29
C VAL B 388 7.87 -28.60 -29.59
N THR B 389 7.06 -28.46 -28.55
CA THR B 389 7.07 -27.23 -27.76
C THR B 389 8.01 -27.50 -26.60
N LEU B 390 8.93 -26.58 -26.33
CA LEU B 390 9.87 -26.75 -25.24
C LEU B 390 9.60 -25.75 -24.13
N THR B 391 9.41 -26.24 -22.90
CA THR B 391 9.17 -25.36 -21.76
C THR B 391 10.38 -25.48 -20.83
N VAL B 392 10.84 -24.34 -20.33
CA VAL B 392 12.02 -24.30 -19.48
C VAL B 392 11.78 -23.65 -18.12
N ASP B 393 12.13 -24.37 -17.07
CA ASP B 393 11.96 -23.91 -15.71
C ASP B 393 13.10 -22.96 -15.37
N MET B 394 13.18 -22.57 -14.10
CA MET B 394 14.24 -21.65 -13.66
C MET B 394 15.27 -22.36 -12.79
N GLY B 395 16.54 -22.10 -13.10
CA GLY B 395 17.66 -22.71 -12.39
C GLY B 395 18.90 -22.57 -13.26
N SER B 396 20.04 -23.09 -12.79
CA SER B 396 21.26 -22.99 -13.57
C SER B 396 21.15 -23.55 -14.99
N PHE B 397 20.42 -24.66 -15.13
CA PHE B 397 20.23 -25.28 -16.44
C PHE B 397 19.64 -24.26 -17.42
N HIS B 398 18.83 -23.34 -16.88
CA HIS B 398 18.19 -22.30 -17.66
C HIS B 398 19.25 -21.46 -18.38
N ILE B 399 20.32 -21.13 -17.68
CA ILE B 399 21.38 -20.33 -18.29
C ILE B 399 22.03 -21.12 -19.42
N TRP B 400 22.31 -22.39 -19.17
CA TRP B 400 22.95 -23.23 -20.19
C TRP B 400 22.09 -23.33 -21.44
N ILE B 401 20.79 -23.54 -21.27
CA ILE B 401 19.89 -23.65 -22.40
C ILE B 401 19.81 -22.33 -23.15
N ALA B 402 19.73 -21.23 -22.40
CA ALA B 402 19.65 -19.91 -23.01
C ALA B 402 20.87 -19.65 -23.89
N ARG B 403 22.04 -19.99 -23.37
CA ARG B 403 23.31 -19.79 -24.07
C ARG B 403 23.28 -20.39 -25.46
N TYR B 404 22.57 -21.51 -25.60
CA TYR B 404 22.48 -22.21 -26.88
C TYR B 404 21.12 -22.19 -27.58
N LEU B 405 20.31 -21.18 -27.33
CA LEU B 405 18.99 -21.09 -27.98
C LEU B 405 19.10 -21.03 -29.51
N TYR B 406 20.21 -20.50 -29.99
CA TYR B 406 20.43 -20.37 -31.42
C TYR B 406 20.45 -21.72 -32.13
N THR B 407 20.84 -22.79 -31.42
CA THR B 407 20.86 -24.12 -32.02
C THR B 407 19.67 -25.00 -31.65
N PHE B 408 18.67 -24.41 -31.01
CA PHE B 408 17.47 -25.16 -30.66
C PHE B 408 16.46 -24.86 -31.76
N ARG B 409 15.84 -25.90 -32.30
CA ARG B 409 14.87 -25.72 -33.35
C ARG B 409 13.55 -26.37 -32.94
N ALA B 410 12.87 -25.70 -32.00
CA ALA B 410 11.61 -26.19 -31.49
C ALA B 410 10.45 -25.41 -32.09
N ARG B 411 9.26 -26.00 -32.04
CA ARG B 411 8.07 -25.34 -32.55
C ARG B 411 7.95 -24.03 -31.79
N GLN B 412 8.12 -24.10 -30.48
CA GLN B 412 8.03 -22.94 -29.62
C GLN B 412 8.73 -23.20 -28.29
N VAL B 413 9.24 -22.14 -27.67
CA VAL B 413 9.92 -22.28 -26.40
C VAL B 413 9.36 -21.32 -25.36
N MET B 414 8.99 -21.87 -24.21
CA MET B 414 8.48 -21.05 -23.12
C MET B 414 9.64 -21.01 -22.15
N ILE B 415 10.37 -19.89 -22.14
CA ILE B 415 11.51 -19.76 -21.28
C ILE B 415 11.52 -18.48 -20.47
N SER B 416 11.00 -17.40 -21.05
CA SER B 416 10.96 -16.11 -20.39
C SER B 416 10.36 -16.26 -18.98
N ASN B 417 10.99 -15.65 -17.99
CA ASN B 417 10.51 -15.77 -16.62
C ASN B 417 11.15 -14.69 -15.74
N GLY B 418 10.66 -13.46 -15.88
CA GLY B 418 11.19 -12.35 -15.11
C GLY B 418 11.15 -12.50 -13.61
N GLN B 419 10.09 -13.11 -13.08
CA GLN B 419 9.96 -13.33 -11.64
C GLN B 419 10.90 -14.42 -11.19
N GLN B 420 11.34 -15.24 -12.14
CA GLN B 420 12.23 -16.36 -11.87
C GLN B 420 11.54 -17.40 -11.03
N THR B 421 10.26 -17.62 -11.32
CA THR B 421 9.46 -18.58 -10.58
C THR B 421 9.84 -20.01 -10.96
N MET B 422 10.22 -20.81 -9.97
CA MET B 422 10.57 -22.19 -10.25
C MET B 422 9.30 -23.03 -10.21
N GLY B 423 9.28 -24.12 -10.97
CA GLY B 423 8.12 -25.00 -11.02
C GLY B 423 7.20 -24.77 -12.22
N VAL B 424 7.49 -23.77 -13.04
CA VAL B 424 6.68 -23.44 -14.21
C VAL B 424 6.66 -24.46 -15.36
N ALA B 425 7.81 -25.04 -15.66
CA ALA B 425 7.96 -25.97 -16.78
C ALA B 425 6.90 -27.05 -17.00
N LEU B 426 6.78 -28.00 -16.07
CA LEU B 426 5.80 -29.06 -16.26
C LEU B 426 4.37 -28.53 -16.47
N PRO B 427 3.88 -27.69 -15.55
CA PRO B 427 2.51 -27.18 -15.78
C PRO B 427 2.37 -26.44 -17.11
N TRP B 428 3.38 -25.66 -17.50
CA TRP B 428 3.31 -24.97 -18.79
C TRP B 428 3.17 -26.01 -19.90
N ALA B 429 4.01 -27.03 -19.86
CA ALA B 429 4.01 -28.10 -20.86
C ALA B 429 2.64 -28.78 -20.97
N ILE B 430 2.00 -29.01 -19.82
CA ILE B 430 0.70 -29.64 -19.82
C ILE B 430 -0.29 -28.71 -20.49
N GLY B 431 -0.19 -27.43 -20.19
CA GLY B 431 -1.08 -26.47 -20.80
C GLY B 431 -0.90 -26.38 -22.31
N ALA B 432 0.37 -26.36 -22.74
CA ALA B 432 0.67 -26.28 -24.17
C ALA B 432 0.22 -27.54 -24.90
N TRP B 433 0.36 -28.69 -24.25
CA TRP B 433 -0.06 -29.93 -24.88
C TRP B 433 -1.57 -29.95 -25.12
N LEU B 434 -2.33 -29.48 -24.14
CA LEU B 434 -3.78 -29.44 -24.27
C LEU B 434 -4.23 -28.60 -25.47
N VAL B 435 -3.43 -27.62 -25.85
CA VAL B 435 -3.76 -26.77 -26.98
C VAL B 435 -3.57 -27.55 -28.29
N ASN B 436 -2.52 -28.38 -28.33
CA ASN B 436 -2.22 -29.21 -29.50
C ASN B 436 -1.87 -30.61 -29.02
N PRO B 437 -2.87 -31.36 -28.54
CA PRO B 437 -2.71 -32.72 -28.02
C PRO B 437 -2.10 -33.75 -28.98
N GLU B 438 -2.04 -33.42 -30.26
CA GLU B 438 -1.47 -34.33 -31.23
C GLU B 438 0.05 -34.21 -31.30
N ARG B 439 0.60 -33.17 -30.67
CA ARG B 439 2.03 -32.94 -30.66
C ARG B 439 2.67 -33.33 -29.34
N LYS B 440 4.00 -33.42 -29.33
CA LYS B 440 4.73 -33.77 -28.11
C LYS B 440 5.28 -32.50 -27.49
N VAL B 441 5.35 -32.47 -26.17
CA VAL B 441 5.90 -31.31 -25.47
C VAL B 441 7.05 -31.79 -24.58
N VAL B 442 8.07 -30.95 -24.44
CA VAL B 442 9.20 -31.30 -23.59
C VAL B 442 9.47 -30.20 -22.58
N SER B 443 9.47 -30.55 -21.31
CA SER B 443 9.74 -29.59 -20.26
C SER B 443 11.00 -30.03 -19.53
N VAL B 444 11.77 -29.05 -19.07
CA VAL B 444 13.01 -29.35 -18.37
C VAL B 444 13.11 -28.45 -17.13
N SER B 445 13.61 -29.02 -16.04
CA SER B 445 13.77 -28.29 -14.80
C SER B 445 14.88 -28.91 -13.96
N GLY B 446 15.15 -28.29 -12.81
CA GLY B 446 16.16 -28.82 -11.89
C GLY B 446 15.40 -29.62 -10.85
N ASP B 447 16.08 -30.26 -9.91
CA ASP B 447 15.36 -31.04 -8.91
C ASP B 447 14.52 -30.15 -8.00
N GLY B 448 14.99 -28.94 -7.75
CA GLY B 448 14.25 -28.01 -6.91
C GLY B 448 12.95 -27.59 -7.55
N GLY B 449 13.00 -27.18 -8.82
CA GLY B 449 11.80 -26.77 -9.52
C GLY B 449 10.84 -27.93 -9.72
N PHE B 450 11.39 -29.12 -9.90
CA PHE B 450 10.56 -30.29 -10.12
C PHE B 450 9.61 -30.63 -8.99
N LEU B 451 10.09 -30.59 -7.75
CA LEU B 451 9.22 -30.93 -6.63
C LEU B 451 8.17 -29.87 -6.28
N GLN B 452 8.31 -28.66 -6.80
CA GLN B 452 7.31 -27.63 -6.51
C GLN B 452 6.03 -27.83 -7.31
N SER B 453 6.11 -28.54 -8.44
CA SER B 453 4.91 -28.74 -9.23
C SER B 453 4.74 -30.17 -9.74
N SER B 454 5.62 -31.08 -9.32
CA SER B 454 5.56 -32.46 -9.77
C SER B 454 4.24 -33.17 -9.46
N MET B 455 3.42 -32.60 -8.58
CA MET B 455 2.16 -33.25 -8.25
C MET B 455 1.25 -33.31 -9.48
N GLU B 456 1.54 -32.49 -10.49
CA GLU B 456 0.73 -32.47 -11.70
C GLU B 456 1.01 -33.64 -12.62
N LEU B 457 1.94 -34.51 -12.23
CA LEU B 457 2.25 -35.69 -13.03
C LEU B 457 1.02 -36.57 -13.04
N GLU B 458 0.27 -36.55 -11.94
CA GLU B 458 -0.95 -37.36 -11.86
C GLU B 458 -1.92 -36.78 -12.87
N THR B 459 -1.98 -35.46 -12.94
CA THR B 459 -2.85 -34.81 -13.89
C THR B 459 -2.43 -35.18 -15.31
N ALA B 460 -1.12 -35.18 -15.56
CA ALA B 460 -0.59 -35.52 -16.87
C ALA B 460 -0.94 -36.96 -17.24
N VAL B 461 -0.81 -37.87 -16.28
CA VAL B 461 -1.14 -39.27 -16.52
C VAL B 461 -2.65 -39.39 -16.75
N ARG B 462 -3.43 -38.71 -15.91
CA ARG B 462 -4.88 -38.75 -16.04
C ARG B 462 -5.33 -38.28 -17.42
N LEU B 463 -4.66 -37.26 -17.94
CA LEU B 463 -4.99 -36.71 -19.25
C LEU B 463 -4.35 -37.48 -20.40
N LYS B 464 -3.33 -38.27 -20.08
CA LYS B 464 -2.60 -39.02 -21.09
C LYS B 464 -1.81 -38.00 -21.91
N ALA B 465 -1.40 -36.92 -21.25
CA ALA B 465 -0.63 -35.85 -21.91
C ALA B 465 0.70 -36.39 -22.42
N ASN B 466 1.03 -36.08 -23.67
CA ASN B 466 2.27 -36.55 -24.27
C ASN B 466 3.38 -35.55 -23.91
N VAL B 467 3.76 -35.58 -22.64
CA VAL B 467 4.79 -34.70 -22.11
C VAL B 467 5.99 -35.45 -21.57
N LEU B 468 7.17 -34.97 -21.92
CA LEU B 468 8.40 -35.57 -21.45
C LEU B 468 9.09 -34.53 -20.61
N HIS B 469 9.24 -34.82 -19.32
CA HIS B 469 9.91 -33.89 -18.41
C HIS B 469 11.31 -34.38 -18.06
N LEU B 470 12.29 -33.51 -18.27
CA LEU B 470 13.68 -33.84 -17.99
C LEU B 470 14.08 -33.13 -16.70
N ILE B 471 14.88 -33.79 -15.88
CA ILE B 471 15.33 -33.22 -14.62
C ILE B 471 16.85 -33.20 -14.51
N TRP B 472 17.44 -32.02 -14.40
CA TRP B 472 18.89 -31.93 -14.23
C TRP B 472 19.02 -32.12 -12.72
N VAL B 473 19.69 -33.19 -12.31
CA VAL B 473 19.85 -33.50 -10.89
C VAL B 473 21.23 -33.21 -10.31
N ASP B 474 21.26 -32.31 -9.33
CA ASP B 474 22.50 -31.90 -8.66
C ASP B 474 22.31 -32.02 -7.15
N ASN B 475 21.07 -32.31 -6.74
CA ASN B 475 20.72 -32.45 -5.33
C ASN B 475 20.86 -31.12 -4.57
N GLY B 476 20.43 -30.03 -5.21
CA GLY B 476 20.50 -28.74 -4.56
C GLY B 476 19.92 -27.62 -5.40
N TYR B 477 20.03 -26.40 -4.88
CA TYR B 477 19.57 -25.19 -5.57
C TYR B 477 20.82 -24.53 -6.12
N ASN B 478 21.35 -25.09 -7.20
CA ASN B 478 22.57 -24.60 -7.78
C ASN B 478 22.61 -23.12 -8.21
N MET B 479 21.57 -22.64 -8.88
CA MET B 479 21.60 -21.26 -9.31
C MET B 479 21.86 -20.31 -8.14
N VAL B 480 21.38 -20.67 -6.96
CA VAL B 480 21.60 -19.86 -5.76
C VAL B 480 22.99 -20.14 -5.19
N ALA B 481 23.39 -21.41 -5.20
CA ALA B 481 24.69 -21.82 -4.69
C ALA B 481 25.87 -21.11 -5.35
N ILE B 482 25.82 -20.92 -6.66
CA ILE B 482 26.91 -20.28 -7.37
C ILE B 482 27.01 -18.80 -7.05
N GLN B 483 25.87 -18.16 -6.76
CA GLN B 483 25.89 -16.76 -6.41
C GLN B 483 26.46 -16.61 -4.99
N GLU B 484 26.13 -17.55 -4.11
CA GLU B 484 26.65 -17.52 -2.74
C GLU B 484 28.16 -17.76 -2.76
N GLU B 485 28.57 -18.75 -3.56
CA GLU B 485 29.98 -19.09 -3.71
C GLU B 485 30.78 -17.87 -4.13
N LYS B 486 30.30 -17.19 -5.16
CA LYS B 486 30.95 -16.00 -5.69
C LYS B 486 31.04 -14.89 -4.63
N LYS B 487 29.94 -14.66 -3.93
CA LYS B 487 29.88 -13.60 -2.93
C LYS B 487 30.44 -13.93 -1.55
N TYR B 488 30.27 -15.17 -1.11
CA TYR B 488 30.72 -15.54 0.24
C TYR B 488 31.76 -16.64 0.27
N GLN B 489 31.96 -17.32 -0.85
CA GLN B 489 32.91 -18.42 -0.92
C GLN B 489 32.52 -19.57 0.00
N ARG B 490 31.22 -19.69 0.27
CA ARG B 490 30.70 -20.77 1.10
C ARG B 490 29.20 -20.89 0.82
N LEU B 491 28.62 -22.05 1.14
CA LEU B 491 27.21 -22.28 0.85
C LEU B 491 26.31 -22.36 2.07
N SER B 492 25.04 -22.05 1.88
CA SER B 492 24.04 -22.10 2.94
C SER B 492 22.64 -22.35 2.38
N GLY B 493 21.98 -23.36 2.93
CA GLY B 493 20.62 -23.70 2.51
C GLY B 493 20.37 -24.05 1.05
N VAL B 494 21.40 -24.48 0.33
CA VAL B 494 21.24 -24.82 -1.09
C VAL B 494 21.54 -26.28 -1.39
N GLU B 495 21.70 -27.09 -0.35
CA GLU B 495 21.99 -28.51 -0.52
C GLU B 495 20.92 -29.39 0.12
N PHE B 496 20.43 -30.37 -0.64
CA PHE B 496 19.44 -31.28 -0.08
C PHE B 496 19.73 -32.73 -0.45
N GLY B 497 18.90 -33.66 0.04
CA GLY B 497 19.12 -35.06 -0.23
C GLY B 497 18.82 -35.55 -1.64
N PRO B 498 19.27 -36.77 -1.98
CA PRO B 498 19.04 -37.35 -3.31
C PRO B 498 17.71 -38.09 -3.39
N MET B 499 17.29 -38.41 -4.60
CA MET B 499 16.04 -39.13 -4.82
C MET B 499 16.12 -40.09 -6.00
N ASP B 500 15.22 -41.06 -6.02
CA ASP B 500 15.15 -42.03 -7.11
C ASP B 500 13.95 -41.55 -7.93
N PHE B 501 14.20 -40.61 -8.83
CA PHE B 501 13.15 -40.04 -9.66
C PHE B 501 12.49 -41.05 -10.59
N LYS B 502 13.15 -42.18 -10.82
CA LYS B 502 12.59 -43.20 -11.70
C LYS B 502 11.36 -43.79 -11.04
N ALA B 503 11.52 -44.22 -9.79
CA ALA B 503 10.40 -44.80 -9.05
C ALA B 503 9.36 -43.73 -8.77
N TYR B 504 9.81 -42.49 -8.60
CA TYR B 504 8.91 -41.39 -8.31
C TYR B 504 7.93 -41.25 -9.46
N ALA B 505 8.46 -41.21 -10.68
CA ALA B 505 7.63 -41.05 -11.87
C ALA B 505 6.71 -42.25 -12.09
N GLU B 506 7.25 -43.45 -11.87
CA GLU B 506 6.48 -44.66 -12.07
C GLU B 506 5.33 -44.78 -11.07
N SER B 507 5.52 -44.24 -9.87
CA SER B 507 4.49 -44.30 -8.85
C SER B 507 3.20 -43.62 -9.32
N PHE B 508 3.35 -42.63 -10.21
CA PHE B 508 2.20 -41.90 -10.75
C PHE B 508 1.53 -42.69 -11.87
N GLY B 509 2.29 -43.60 -12.45
CA GLY B 509 1.77 -44.38 -13.56
C GLY B 509 2.43 -43.89 -14.83
N ALA B 510 3.41 -42.99 -14.68
CA ALA B 510 4.14 -42.46 -15.83
C ALA B 510 5.41 -43.30 -16.00
N LYS B 511 6.11 -43.13 -17.11
CA LYS B 511 7.32 -43.89 -17.36
C LYS B 511 8.51 -43.15 -16.77
N GLY B 512 9.25 -43.83 -15.90
CA GLY B 512 10.41 -43.19 -15.29
C GLY B 512 11.74 -43.74 -15.78
N PHE B 513 12.74 -42.85 -15.84
CA PHE B 513 14.08 -43.21 -16.28
C PHE B 513 15.11 -42.43 -15.47
N ALA B 514 16.23 -43.08 -15.16
CA ALA B 514 17.30 -42.44 -14.41
C ALA B 514 18.63 -42.76 -15.10
N VAL B 515 19.22 -41.74 -15.72
CA VAL B 515 20.49 -41.90 -16.44
C VAL B 515 21.60 -42.24 -15.45
N GLU B 516 22.26 -43.38 -15.67
CA GLU B 516 23.32 -43.81 -14.77
C GLU B 516 24.72 -43.77 -15.37
N SER B 517 24.84 -43.29 -16.60
CA SER B 517 26.13 -43.18 -17.27
C SER B 517 25.95 -42.25 -18.45
N ALA B 518 27.04 -41.67 -18.93
CA ALA B 518 26.94 -40.75 -20.06
C ALA B 518 26.39 -41.44 -21.29
N GLU B 519 26.93 -42.62 -21.61
CA GLU B 519 26.49 -43.32 -22.81
C GLU B 519 25.00 -43.67 -22.77
N ALA B 520 24.42 -43.72 -21.58
CA ALA B 520 23.00 -44.05 -21.44
C ALA B 520 22.08 -42.85 -21.65
N LEU B 521 22.65 -41.64 -21.69
CA LEU B 521 21.86 -40.43 -21.87
C LEU B 521 20.96 -40.43 -23.11
N GLU B 522 21.58 -40.41 -24.30
CA GLU B 522 20.82 -40.38 -25.54
C GLU B 522 19.77 -41.50 -25.67
N PRO B 523 20.16 -42.77 -25.44
CA PRO B 523 19.21 -43.88 -25.55
C PRO B 523 18.02 -43.72 -24.61
N THR B 524 18.28 -43.24 -23.41
CA THR B 524 17.23 -43.05 -22.42
C THR B 524 16.22 -41.98 -22.87
N LEU B 525 16.73 -40.91 -23.47
CA LEU B 525 15.86 -39.84 -23.93
C LEU B 525 14.97 -40.33 -25.07
N ARG B 526 15.51 -41.19 -25.92
CA ARG B 526 14.75 -41.72 -27.04
C ARG B 526 13.63 -42.61 -26.53
N ALA B 527 13.97 -43.55 -25.65
CA ALA B 527 12.97 -44.45 -25.09
C ALA B 527 11.84 -43.63 -24.45
N ALA B 528 12.22 -42.52 -23.82
CA ALA B 528 11.24 -41.65 -23.16
C ALA B 528 10.38 -40.89 -24.19
N MET B 529 11.02 -40.37 -25.22
CA MET B 529 10.29 -39.65 -26.27
C MET B 529 9.31 -40.58 -27.00
N ASP B 530 9.69 -41.84 -27.16
CA ASP B 530 8.85 -42.82 -27.85
C ASP B 530 7.64 -43.24 -27.02
N VAL B 531 7.64 -42.88 -25.74
CA VAL B 531 6.52 -43.22 -24.88
C VAL B 531 5.33 -42.35 -25.25
N ASP B 532 4.18 -42.97 -25.49
CA ASP B 532 3.00 -42.22 -25.85
C ASP B 532 2.30 -41.88 -24.55
N GLY B 533 2.72 -40.78 -23.94
CA GLY B 533 2.15 -40.36 -22.68
C GLY B 533 3.22 -39.75 -21.82
N PRO B 534 2.93 -39.48 -20.53
CA PRO B 534 3.91 -38.87 -19.63
C PRO B 534 5.14 -39.73 -19.35
N ALA B 535 6.31 -39.08 -19.32
CA ALA B 535 7.56 -39.75 -19.05
C ALA B 535 8.52 -38.75 -18.42
N VAL B 536 9.33 -39.23 -17.48
CA VAL B 536 10.28 -38.37 -16.79
C VAL B 536 11.67 -39.00 -16.81
N VAL B 537 12.69 -38.18 -17.09
CA VAL B 537 14.05 -38.65 -17.12
C VAL B 537 14.92 -37.83 -16.17
N ALA B 538 15.50 -38.48 -15.16
CA ALA B 538 16.36 -37.80 -14.22
C ALA B 538 17.79 -37.87 -14.77
N ILE B 539 18.46 -36.72 -14.84
CA ILE B 539 19.81 -36.68 -15.38
C ILE B 539 20.82 -36.05 -14.43
N PRO B 540 21.66 -36.88 -13.77
CA PRO B 540 22.68 -36.37 -12.85
C PRO B 540 23.59 -35.39 -13.59
N VAL B 541 23.80 -34.21 -13.01
CA VAL B 541 24.65 -33.21 -13.65
C VAL B 541 25.81 -32.75 -12.77
N ASP B 542 26.92 -32.44 -13.42
CA ASP B 542 28.13 -31.96 -12.76
C ASP B 542 28.20 -30.47 -13.09
N TYR B 543 27.85 -29.63 -12.13
CA TYR B 543 27.84 -28.18 -12.29
C TYR B 543 29.17 -27.47 -12.04
N ARG B 544 30.22 -28.25 -11.89
CA ARG B 544 31.56 -27.72 -11.63
C ARG B 544 32.04 -26.63 -12.59
N ASP B 545 31.66 -26.72 -13.86
CA ASP B 545 32.07 -25.73 -14.84
C ASP B 545 31.18 -24.50 -14.94
N ASN B 546 30.16 -24.39 -14.09
CA ASN B 546 29.27 -23.24 -14.14
C ASN B 546 29.98 -21.89 -14.09
N PRO B 547 31.06 -21.78 -13.31
CA PRO B 547 31.79 -20.52 -13.21
C PRO B 547 32.24 -19.97 -14.57
N LEU B 548 32.55 -20.87 -15.50
CA LEU B 548 32.99 -20.47 -16.82
C LEU B 548 31.87 -19.87 -17.66
N LEU B 549 30.63 -20.30 -17.40
CA LEU B 549 29.48 -19.79 -18.13
C LEU B 549 29.03 -18.47 -17.50
N MET B 550 29.02 -18.45 -16.17
CA MET B 550 28.62 -17.27 -15.43
C MET B 550 29.46 -16.04 -15.78
N GLY B 551 30.71 -16.28 -16.18
CA GLY B 551 31.56 -15.18 -16.56
C GLY B 551 31.01 -14.50 -17.80
N GLN B 552 30.05 -15.14 -18.46
CA GLN B 552 29.45 -14.59 -19.67
C GLN B 552 28.16 -13.81 -19.41
N LEU B 553 27.74 -13.75 -18.16
CA LEU B 553 26.53 -13.02 -17.80
C LEU B 553 26.82 -11.58 -17.46
N HIS B 554 25.82 -10.71 -17.63
CA HIS B 554 25.99 -9.30 -17.29
C HIS B 554 26.35 -9.21 -15.80
#